data_9IIB
#
_entry.id   9IIB
#
_cell.length_a   50.420
_cell.length_b   197.708
_cell.length_c   50.468
_cell.angle_alpha   90.00
_cell.angle_beta   90.00
_cell.angle_gamma   90.00
#
_symmetry.space_group_name_H-M   'P 1 21 1'
#
loop_
_entity.id
_entity.type
_entity.pdbx_description
1 polymer 'LysR family transcriptional regulator'
2 non-polymer GLYCEROL
3 non-polymer (2S)-5,7-dihydroxy-2-(3-hydroxy-4-methoxyphenyl)-2,3-dihydro-4H-1-benzopyran-4-one
4 water water
#
_entity_poly.entity_id   1
_entity_poly.type   'polypeptide(L)'
_entity_poly.pdbx_seq_one_letter_code
;NPAESDRRFRIILSDFMALVFFDKIILRLAREAPGVSFELLPLDDDPEELLRRGDVDFLILPDLFMSGAHPKARLFEERL
VCVGCPTNEQLQGQLSLEQYMSMGHVAAKFGRGLKPSVEQWLLMQHGLKRRIELVVPGFNLIPPLLSGTNRIATIPLRLV
KHYERTIPLRIIEHPLPLVSFTEAVQWPALHNTDPGNIWMREIMIQEALRMESEME
;
_entity_poly.pdbx_strand_id   A,B,C,D
#
# COMPACT_ATOMS: atom_id res chain seq x y z
N ALA A 3 0.04 12.60 33.29
CA ALA A 3 -0.40 11.24 32.97
C ALA A 3 -1.54 11.25 31.97
N GLU A 4 -2.03 12.44 31.63
CA GLU A 4 -3.06 12.61 30.61
C GLU A 4 -2.52 13.36 29.40
N SER A 5 -1.22 13.20 29.16
CA SER A 5 -0.54 13.93 28.06
C SER A 5 -0.54 13.15 26.74
N ASP A 6 -0.05 13.80 25.69
CA ASP A 6 0.10 13.13 24.36
C ASP A 6 1.57 13.28 23.99
N ARG A 7 2.44 13.39 25.00
CA ARG A 7 3.88 13.64 24.75
C ARG A 7 4.55 12.40 24.16
N ARG A 8 5.47 12.61 23.23
CA ARG A 8 6.23 11.47 22.67
C ARG A 8 7.63 11.49 23.29
N PHE A 9 7.96 10.47 24.06
CA PHE A 9 9.32 10.36 24.57
C PHE A 9 10.20 9.58 23.61
N ARG A 10 11.46 10.03 23.49
CA ARG A 10 12.49 9.32 22.73
C ARG A 10 13.51 8.71 23.69
N ILE A 11 13.74 7.40 23.57
CA ILE A 11 14.68 6.68 24.44
C ILE A 11 15.73 5.97 23.59
N ILE A 12 16.99 6.07 24.03
CA ILE A 12 18.10 5.32 23.45
C ILE A 12 18.46 4.22 24.43
N LEU A 13 18.55 2.98 23.92
CA LEU A 13 18.74 1.80 24.74
C LEU A 13 19.14 0.64 23.86
N SER A 14 19.58 -0.43 24.51
CA SER A 14 19.92 -1.66 23.83
C SER A 14 18.65 -2.46 23.54
N ASP A 15 18.71 -3.29 22.48
CA ASP A 15 17.64 -4.23 22.27
C ASP A 15 17.43 -5.07 23.53
N PHE A 16 18.52 -5.38 24.25
CA PHE A 16 18.39 -6.09 25.52
C PHE A 16 17.51 -5.30 26.50
N MET A 17 17.79 -4.01 26.64
CA MET A 17 17.07 -3.23 27.63
C MET A 17 15.65 -2.96 27.19
N ALA A 18 15.42 -2.83 25.87
CA ALA A 18 14.07 -2.76 25.36
C ALA A 18 13.27 -4.00 25.70
N LEU A 19 13.89 -5.18 25.58
CA LEU A 19 13.12 -6.40 25.69
C LEU A 19 12.88 -6.79 27.14
N VAL A 20 13.88 -6.62 27.97
CA VAL A 20 13.86 -7.13 29.33
C VAL A 20 13.38 -6.08 30.34
N PHE A 21 13.35 -4.81 29.95
CA PHE A 21 12.97 -3.78 30.90
C PHE A 21 11.95 -2.79 30.34
N PHE A 22 12.23 -2.15 29.21
CA PHE A 22 11.32 -1.11 28.81
C PHE A 22 9.95 -1.64 28.42
N ASP A 23 9.87 -2.92 28.08
CA ASP A 23 8.58 -3.55 27.86
C ASP A 23 7.66 -3.31 29.05
N LYS A 24 8.21 -3.41 30.28
CA LYS A 24 7.40 -3.13 31.47
C LYS A 24 6.84 -1.72 31.41
N ILE A 25 7.66 -0.77 30.99
CA ILE A 25 7.23 0.63 30.94
C ILE A 25 6.11 0.80 29.94
N ILE A 26 6.30 0.29 28.73
CA ILE A 26 5.24 0.38 27.73
C ILE A 26 3.95 -0.27 28.25
N LEU A 27 4.06 -1.44 28.91
CA LEU A 27 2.87 -2.10 29.46
C LEU A 27 2.14 -1.22 30.48
N ARG A 28 2.87 -0.79 31.51
CA ARG A 28 2.26 0.02 32.55
C ARG A 28 1.65 1.29 31.97
N LEU A 29 2.38 1.99 31.09
CA LEU A 29 1.88 3.26 30.64
C LEU A 29 0.76 3.11 29.64
N ALA A 30 0.64 1.97 29.01
CA ALA A 30 -0.52 1.74 28.16
C ALA A 30 -1.80 1.83 28.98
N ARG A 31 -1.69 1.70 30.30
CA ARG A 31 -2.76 1.85 31.27
C ARG A 31 -2.76 3.24 31.89
N GLU A 32 -1.62 3.68 32.42
CA GLU A 32 -1.60 4.91 33.20
C GLU A 32 -1.53 6.18 32.36
N ALA A 33 -1.15 6.07 31.11
CA ALA A 33 -1.04 7.28 30.32
C ALA A 33 -1.14 6.86 28.88
N PRO A 34 -2.34 6.58 28.38
CA PRO A 34 -2.48 5.93 27.07
C PRO A 34 -2.27 6.84 25.86
N GLY A 35 -1.98 8.12 26.07
CA GLY A 35 -1.68 8.99 24.96
C GLY A 35 -0.19 9.23 24.83
N VAL A 36 0.58 8.78 25.81
CA VAL A 36 2.03 8.93 25.75
C VAL A 36 2.59 7.92 24.75
N SER A 37 3.43 8.38 23.84
CA SER A 37 4.00 7.54 22.79
C SER A 37 5.51 7.48 22.93
N PHE A 38 6.12 6.51 22.24
CA PHE A 38 7.55 6.25 22.41
C PHE A 38 8.23 5.98 21.07
N GLU A 39 9.40 6.58 20.90
CA GLU A 39 10.31 6.20 19.82
C GLU A 39 11.54 5.64 20.52
N LEU A 40 11.75 4.35 20.40
CA LEU A 40 12.95 3.70 20.93
C LEU A 40 14.02 3.77 19.85
N LEU A 41 15.11 4.45 20.18
CA LEU A 41 16.19 4.66 19.20
C LEU A 41 17.31 3.66 19.42
N PRO A 42 17.95 3.19 18.34
CA PRO A 42 19.06 2.26 18.49
C PRO A 42 20.32 2.88 19.05
N LEU A 43 21.07 2.13 19.84
CA LEU A 43 22.37 2.62 20.35
C LEU A 43 23.36 2.55 19.18
N ASP A 44 23.97 3.67 18.80
CA ASP A 44 25.01 3.58 17.75
C ASP A 44 26.02 4.73 17.88
N ASP A 45 25.58 5.96 17.67
CA ASP A 45 26.51 7.12 17.68
C ASP A 45 26.63 7.67 19.11
N ASP A 46 27.71 8.40 19.38
CA ASP A 46 27.86 9.04 20.70
C ASP A 46 26.49 9.55 21.13
N PRO A 47 25.86 9.05 22.23
CA PRO A 47 24.58 9.57 22.63
C PRO A 47 24.70 10.97 23.17
N GLU A 48 25.89 11.31 23.65
CA GLU A 48 26.12 12.64 24.26
C GLU A 48 25.62 13.75 23.32
N GLU A 49 26.02 13.70 22.05
CA GLU A 49 25.61 14.81 21.16
C GLU A 49 24.12 15.08 21.35
N LEU A 50 23.31 14.02 21.42
CA LEU A 50 21.85 14.23 21.49
C LEU A 50 21.45 14.64 22.91
N LEU A 51 22.27 14.29 23.89
CA LEU A 51 21.95 14.65 25.30
C LEU A 51 22.21 16.15 25.51
N ARG A 52 23.30 16.66 24.94
CA ARG A 52 23.65 18.09 25.10
C ARG A 52 22.59 18.96 24.42
N ARG A 53 22.07 18.53 23.28
CA ARG A 53 21.09 19.35 22.53
C ARG A 53 19.69 19.15 23.12
N GLY A 54 19.45 18.05 23.82
CA GLY A 54 18.13 17.77 24.40
C GLY A 54 17.18 17.20 23.37
N ASP A 55 17.72 16.49 22.37
CA ASP A 55 16.88 15.91 21.30
C ASP A 55 16.41 14.52 21.72
N VAL A 56 16.82 14.06 22.90
CA VAL A 56 16.36 12.76 23.44
C VAL A 56 15.90 13.00 24.86
N ASP A 57 14.92 12.24 25.32
CA ASP A 57 14.44 12.37 26.72
C ASP A 57 15.30 11.49 27.63
N PHE A 58 15.73 10.33 27.12
CA PHE A 58 16.46 9.39 28.01
C PHE A 58 17.49 8.51 27.29
N LEU A 59 18.58 8.15 27.99
CA LEU A 59 19.58 7.21 27.52
C LEU A 59 19.75 6.11 28.55
N ILE A 60 19.48 4.85 28.18
CA ILE A 60 19.69 3.72 29.09
C ILE A 60 20.94 2.98 28.65
N LEU A 61 21.89 2.82 29.57
CA LEU A 61 23.20 2.24 29.34
C LEU A 61 23.75 1.76 30.67
N PRO A 62 24.65 0.78 30.66
CA PRO A 62 25.41 0.51 31.89
C PRO A 62 26.19 1.76 32.26
N ASP A 63 26.33 2.01 33.57
CA ASP A 63 26.80 3.32 34.00
C ASP A 63 28.29 3.54 33.74
N LEU A 64 29.07 2.47 33.55
CA LEU A 64 30.47 2.68 33.20
C LEU A 64 30.61 3.40 31.88
N PHE A 65 29.64 3.25 30.98
CA PHE A 65 29.72 3.87 29.67
C PHE A 65 29.19 5.30 29.62
N MET A 66 28.68 5.87 30.71
CA MET A 66 28.17 7.23 30.64
C MET A 66 29.20 8.22 31.16
N SER A 67 29.09 9.45 30.68
CA SER A 67 29.92 10.56 31.14
C SER A 67 29.23 11.29 32.27
N GLY A 68 29.98 12.16 32.94
CA GLY A 68 29.46 12.90 34.08
C GLY A 68 28.82 14.23 33.76
N ALA A 69 28.42 14.45 32.51
CA ALA A 69 27.88 15.78 32.11
C ALA A 69 26.36 15.80 32.09
N HIS A 70 25.72 14.67 32.36
CA HIS A 70 24.24 14.69 32.45
C HIS A 70 23.80 13.93 33.70
N PRO A 71 22.61 14.25 34.28
CA PRO A 71 22.13 13.52 35.44
C PRO A 71 21.77 12.09 35.10
N LYS A 72 22.17 11.17 35.97
CA LYS A 72 21.93 9.73 35.69
C LYS A 72 21.38 9.06 36.96
N ALA A 73 20.78 7.89 36.80
CA ALA A 73 20.18 7.18 37.96
C ALA A 73 20.36 5.67 37.82
N ARG A 74 20.72 5.04 38.93
CA ARG A 74 20.92 3.58 38.94
C ARG A 74 19.60 2.86 38.70
N LEU A 75 19.59 1.93 37.76
CA LEU A 75 18.41 1.09 37.51
C LEU A 75 18.60 -0.24 38.24
N PHE A 76 19.49 -1.09 37.76
CA PHE A 76 19.72 -2.32 38.51
C PHE A 76 21.04 -2.97 38.12
N GLU A 77 21.39 -4.00 38.86
CA GLU A 77 22.62 -4.72 38.63
C GLU A 77 22.37 -5.86 37.64
N GLU A 78 23.27 -6.00 36.67
CA GLU A 78 23.13 -7.01 35.63
C GLU A 78 24.40 -7.85 35.58
N ARG A 79 24.24 -9.13 35.81
CA ARG A 79 25.36 -10.06 35.76
C ARG A 79 25.60 -10.52 34.33
N LEU A 80 26.87 -10.71 33.99
CA LEU A 80 27.28 -11.13 32.65
C LEU A 80 27.69 -12.59 32.70
N VAL A 81 26.93 -13.46 32.03
CA VAL A 81 27.26 -14.88 32.06
C VAL A 81 27.66 -15.35 30.66
N CYS A 82 28.39 -16.45 30.65
CA CYS A 82 28.82 -17.10 29.42
C CYS A 82 27.93 -18.29 29.13
N VAL A 83 27.38 -18.32 27.92
CA VAL A 83 26.35 -19.33 27.60
C VAL A 83 26.75 -20.17 26.38
N GLY A 84 26.10 -21.33 26.22
CA GLY A 84 26.35 -22.20 25.06
C GLY A 84 25.13 -23.03 24.76
N CYS A 85 25.18 -23.82 23.70
CA CYS A 85 24.01 -24.66 23.30
C CYS A 85 24.06 -25.99 24.05
N PRO A 86 22.96 -26.42 24.65
CA PRO A 86 22.92 -27.72 25.28
C PRO A 86 23.54 -28.81 24.38
N THR A 87 23.35 -28.67 23.07
CA THR A 87 23.88 -29.66 22.09
C THR A 87 25.40 -29.67 22.03
N ASN A 88 26.07 -28.72 22.68
CA ASN A 88 27.55 -28.64 22.58
C ASN A 88 28.16 -29.66 23.56
N GLU A 89 29.05 -30.50 23.06
CA GLU A 89 29.64 -31.56 23.91
C GLU A 89 30.64 -30.92 24.86
N GLN A 90 31.64 -30.24 24.32
CA GLN A 90 32.70 -29.64 25.16
C GLN A 90 32.05 -28.84 26.28
N LEU A 91 30.85 -28.32 26.07
CA LEU A 91 30.19 -27.47 27.08
C LEU A 91 29.61 -28.33 28.19
N GLN A 92 29.96 -29.61 28.19
CA GLN A 92 29.50 -30.52 29.27
C GLN A 92 30.65 -30.64 30.28
N GLY A 93 30.43 -30.13 31.49
CA GLY A 93 31.44 -30.24 32.56
C GLY A 93 31.97 -28.89 32.96
N GLN A 94 33.28 -28.77 33.22
CA GLN A 94 33.84 -27.44 33.52
C GLN A 94 34.75 -27.00 32.36
N LEU A 95 34.78 -25.70 32.07
CA LEU A 95 35.62 -25.18 30.96
C LEU A 95 36.72 -24.29 31.54
N SER A 96 37.96 -24.39 31.01
CA SER A 96 39.09 -23.56 31.49
C SER A 96 39.16 -22.25 30.68
N LEU A 97 39.54 -21.15 31.34
CA LEU A 97 39.67 -19.85 30.63
C LEU A 97 40.47 -20.10 29.33
N GLU A 98 41.41 -21.03 29.36
CA GLU A 98 42.18 -21.37 28.14
C GLU A 98 41.23 -21.96 27.11
N GLN A 99 40.35 -22.87 27.53
CA GLN A 99 39.38 -23.49 26.60
C GLN A 99 38.44 -22.41 26.04
N TYR A 100 37.99 -21.49 26.90
CA TYR A 100 37.13 -20.37 26.44
C TYR A 100 37.78 -19.65 25.29
N MET A 101 39.07 -19.35 25.44
CA MET A 101 39.80 -18.58 24.40
C MET A 101 40.18 -19.52 23.25
N SER A 102 39.84 -20.80 23.36
CA SER A 102 40.12 -21.70 22.23
C SER A 102 38.90 -21.98 21.36
N MET A 103 37.74 -21.42 21.70
CA MET A 103 36.46 -21.77 21.08
C MET A 103 35.97 -20.61 20.21
N GLY A 104 34.86 -20.83 19.53
CA GLY A 104 34.27 -19.82 18.66
C GLY A 104 33.16 -19.05 19.37
N HIS A 105 33.19 -17.73 19.22
CA HIS A 105 32.36 -16.83 20.01
C HIS A 105 31.38 -16.06 19.16
N VAL A 106 30.20 -15.84 19.73
CA VAL A 106 29.20 -14.93 19.18
C VAL A 106 29.23 -13.66 20.02
N ALA A 107 29.27 -12.50 19.35
CA ALA A 107 29.40 -11.24 20.06
C ALA A 107 28.51 -10.17 19.42
N ALA A 108 28.13 -9.19 20.24
CA ALA A 108 27.24 -8.10 19.83
C ALA A 108 28.06 -6.86 19.52
N LYS A 109 27.77 -6.25 18.36
CA LYS A 109 28.41 -4.98 17.98
C LYS A 109 27.29 -3.96 17.76
N PHE A 110 27.22 -2.95 18.62
CA PHE A 110 26.11 -1.95 18.54
C PHE A 110 26.42 -0.89 17.50
N GLY A 111 25.80 -1.02 16.33
CA GLY A 111 25.96 0.00 15.28
C GLY A 111 27.33 -0.03 14.64
N ARG A 112 28.09 1.05 14.79
CA ARG A 112 29.42 1.16 14.17
C ARG A 112 30.48 0.77 15.21
N GLY A 113 30.03 0.18 16.31
CA GLY A 113 30.99 -0.27 17.35
C GLY A 113 31.80 0.87 17.90
N LEU A 114 31.15 2.00 18.21
CA LEU A 114 31.87 3.15 18.80
C LEU A 114 32.40 2.76 20.18
N LYS A 115 31.53 2.24 21.04
CA LYS A 115 31.95 1.81 22.40
C LYS A 115 31.99 0.27 22.42
N PRO A 116 32.85 -0.35 23.24
CA PRO A 116 32.98 -1.80 23.22
C PRO A 116 32.06 -2.58 24.13
N SER A 117 31.80 -3.85 23.78
CA SER A 117 30.99 -4.72 24.65
C SER A 117 31.61 -4.70 26.04
N VAL A 118 30.80 -4.80 27.09
CA VAL A 118 31.38 -4.67 28.45
C VAL A 118 32.49 -5.71 28.63
N GLU A 119 32.43 -6.86 27.93
CA GLU A 119 33.42 -7.91 28.18
C GLU A 119 34.71 -7.70 27.39
N GLN A 120 34.63 -7.39 26.10
CA GLN A 120 35.83 -7.28 25.25
C GLN A 120 36.71 -6.09 25.63
N LYS A 129 42.73 -12.19 22.86
CA LYS A 129 41.42 -11.85 22.24
C LYS A 129 40.69 -13.15 21.91
N ARG A 130 39.35 -13.10 21.89
CA ARG A 130 38.54 -14.31 21.60
C ARG A 130 38.39 -14.46 20.09
N ARG A 131 38.20 -15.68 19.60
CA ARG A 131 37.93 -15.89 18.17
C ARG A 131 36.43 -15.71 17.93
N ILE A 132 36.04 -14.55 17.41
CA ILE A 132 34.60 -14.26 17.20
C ILE A 132 34.23 -14.70 15.80
N GLU A 133 33.37 -15.71 15.67
CA GLU A 133 33.02 -16.25 14.35
C GLU A 133 31.64 -15.72 13.94
N LEU A 134 30.99 -14.98 14.84
CA LEU A 134 29.67 -14.40 14.51
C LEU A 134 29.51 -13.04 15.19
N VAL A 135 29.33 -11.98 14.40
CA VAL A 135 29.07 -10.65 14.95
C VAL A 135 27.65 -10.25 14.61
N VAL A 136 26.91 -9.78 15.61
CA VAL A 136 25.52 -9.39 15.37
C VAL A 136 25.19 -8.00 15.92
N PRO A 137 24.24 -7.31 15.30
CA PRO A 137 23.94 -5.93 15.68
C PRO A 137 23.30 -5.76 17.04
N GLY A 138 23.08 -6.82 17.82
CA GLY A 138 22.55 -6.62 19.14
C GLY A 138 22.78 -7.83 20.03
N PHE A 139 22.13 -7.81 21.19
CA PHE A 139 22.16 -8.95 22.10
C PHE A 139 21.11 -10.00 21.74
N ASN A 140 19.93 -9.57 21.28
CA ASN A 140 18.80 -10.47 21.30
C ASN A 140 18.93 -11.57 20.26
N LEU A 141 19.54 -11.25 19.12
CA LEU A 141 19.77 -12.27 18.13
C LEU A 141 20.79 -13.30 18.58
N ILE A 142 21.50 -13.08 19.68
CA ILE A 142 22.62 -13.98 20.00
C ILE A 142 22.11 -15.37 20.39
N PRO A 143 21.17 -15.54 21.31
CA PRO A 143 20.74 -16.90 21.64
C PRO A 143 20.21 -17.67 20.44
N PRO A 144 19.25 -17.14 19.67
CA PRO A 144 18.79 -17.93 18.50
C PRO A 144 19.91 -18.30 17.52
N LEU A 145 20.81 -17.36 17.17
CA LEU A 145 21.87 -17.67 16.21
C LEU A 145 22.98 -18.49 16.82
N LEU A 146 23.05 -18.55 18.14
CA LEU A 146 23.98 -19.44 18.79
C LEU A 146 23.45 -20.87 18.85
N SER A 147 22.13 -21.01 18.94
CA SER A 147 21.50 -22.32 19.12
C SER A 147 21.85 -23.28 17.99
N GLY A 148 22.32 -24.47 18.36
CA GLY A 148 22.60 -25.51 17.40
C GLY A 148 24.00 -25.49 16.85
N THR A 149 24.91 -24.74 17.45
CA THR A 149 26.29 -24.70 17.02
C THR A 149 27.18 -24.87 18.24
N ASN A 150 28.48 -24.90 18.02
CA ASN A 150 29.43 -25.03 19.12
C ASN A 150 30.00 -23.70 19.55
N ARG A 151 29.29 -22.62 19.27
CA ARG A 151 29.76 -21.30 19.65
C ARG A 151 29.22 -20.90 21.02
N ILE A 152 29.99 -20.08 21.72
CA ILE A 152 29.58 -19.58 23.02
C ILE A 152 29.51 -18.05 22.92
N ALA A 153 28.87 -17.45 23.92
CA ALA A 153 28.78 -16.01 23.97
C ALA A 153 28.78 -15.54 25.43
N THR A 154 28.90 -14.24 25.63
CA THR A 154 28.79 -13.64 26.96
C THR A 154 27.74 -12.55 26.90
N ILE A 155 26.72 -12.65 27.74
CA ILE A 155 25.52 -11.84 27.61
C ILE A 155 24.83 -11.63 28.97
N PRO A 156 23.91 -10.69 29.09
CA PRO A 156 23.23 -10.46 30.37
C PRO A 156 22.45 -11.67 30.86
N LEU A 157 22.54 -11.93 32.17
CA LEU A 157 21.83 -13.06 32.75
C LEU A 157 20.31 -12.88 32.69
N ARG A 158 19.82 -11.64 32.72
CA ARG A 158 18.40 -11.42 32.50
C ARG A 158 17.96 -11.84 31.09
N LEU A 159 18.85 -11.78 30.11
CA LEU A 159 18.49 -12.19 28.72
C LEU A 159 18.32 -13.72 28.68
N VAL A 160 19.22 -14.43 29.33
CA VAL A 160 19.17 -15.92 29.33
C VAL A 160 17.84 -16.36 29.95
N LYS A 161 17.39 -15.63 30.96
CA LYS A 161 16.14 -16.02 31.67
C LYS A 161 14.93 -15.67 30.79
N HIS A 162 14.98 -14.56 30.10
CA HIS A 162 13.89 -14.22 29.17
C HIS A 162 13.76 -15.37 28.16
N TYR A 163 14.89 -15.95 27.78
CA TYR A 163 14.79 -17.00 26.76
C TYR A 163 14.66 -18.42 27.34
N GLU A 164 14.42 -18.58 28.65
CA GLU A 164 14.43 -19.91 29.28
C GLU A 164 13.42 -20.85 28.65
N ARG A 165 12.21 -20.36 28.42
CA ARG A 165 11.18 -21.22 27.89
C ARG A 165 11.26 -21.34 26.36
N THR A 166 12.00 -20.45 25.70
CA THR A 166 12.11 -20.45 24.23
C THR A 166 13.36 -21.19 23.73
N ILE A 167 14.53 -20.66 24.06
CA ILE A 167 15.81 -21.26 23.64
C ILE A 167 16.54 -21.75 24.86
N PRO A 168 16.69 -23.08 25.07
CA PRO A 168 17.48 -23.56 26.20
C PRO A 168 18.93 -23.15 26.01
N LEU A 169 19.53 -22.57 27.06
CA LEU A 169 20.95 -22.16 26.98
C LEU A 169 21.72 -22.77 28.17
N ARG A 170 22.93 -23.27 27.93
CA ARG A 170 23.76 -23.83 29.03
C ARG A 170 24.68 -22.72 29.58
N ILE A 171 24.53 -22.43 30.87
CA ILE A 171 25.35 -21.40 31.56
C ILE A 171 26.68 -22.06 31.94
N ILE A 172 27.78 -21.59 31.36
CA ILE A 172 29.10 -22.23 31.56
C ILE A 172 30.02 -21.25 32.30
N GLU A 173 29.52 -20.09 32.69
CA GLU A 173 30.42 -19.06 33.27
C GLU A 173 30.87 -19.46 34.68
N HIS A 174 30.12 -20.35 35.33
CA HIS A 174 30.43 -20.76 36.72
C HIS A 174 31.94 -20.85 36.95
N PRO A 175 32.77 -21.47 36.08
CA PRO A 175 34.22 -21.47 36.27
C PRO A 175 35.04 -20.20 35.96
N LEU A 176 34.47 -19.21 35.27
CA LEU A 176 35.24 -18.00 34.83
C LEU A 176 34.92 -16.78 35.70
N PRO A 177 35.59 -15.63 35.53
CA PRO A 177 35.40 -14.48 36.40
C PRO A 177 33.97 -14.03 36.58
N LEU A 178 33.59 -13.68 37.80
CA LEU A 178 32.22 -13.17 38.04
C LEU A 178 32.20 -11.68 37.70
N VAL A 179 31.49 -11.31 36.64
CA VAL A 179 31.43 -9.89 36.19
C VAL A 179 29.99 -9.38 36.25
N SER A 180 29.79 -8.22 36.87
CA SER A 180 28.44 -7.61 36.93
C SER A 180 28.58 -6.11 36.64
N PHE A 181 27.62 -5.54 35.91
CA PHE A 181 27.62 -4.09 35.66
C PHE A 181 26.32 -3.56 36.23
N THR A 182 26.20 -2.23 36.36
CA THR A 182 24.95 -1.63 36.85
C THR A 182 24.31 -0.85 35.72
N GLU A 183 23.18 -1.34 35.23
CA GLU A 183 22.45 -0.64 34.14
C GLU A 183 21.86 0.63 34.73
N ALA A 184 21.87 1.71 33.96
CA ALA A 184 21.39 2.99 34.51
C ALA A 184 20.70 3.82 33.43
N VAL A 185 20.00 4.86 33.87
CA VAL A 185 19.30 5.77 32.97
C VAL A 185 19.89 7.18 33.15
N GLN A 186 19.98 7.92 32.05
CA GLN A 186 20.52 9.28 32.03
C GLN A 186 19.55 10.15 31.26
N TRP A 187 19.44 11.41 31.65
CA TRP A 187 18.60 12.38 30.96
C TRP A 187 19.41 13.66 30.74
N PRO A 188 19.07 14.50 29.73
CA PRO A 188 19.77 15.76 29.55
C PRO A 188 19.62 16.64 30.78
N ALA A 189 20.66 17.40 31.10
CA ALA A 189 20.60 18.34 32.24
C ALA A 189 19.56 19.42 31.96
N LEU A 190 19.39 19.76 30.68
CA LEU A 190 18.41 20.79 30.28
C LEU A 190 17.00 20.31 30.62
N HIS A 191 16.84 19.02 30.94
CA HIS A 191 15.49 18.45 31.19
C HIS A 191 15.37 18.00 32.64
N ASN A 192 16.32 18.38 33.50
CA ASN A 192 16.31 17.91 34.87
C ASN A 192 15.08 18.41 35.63
N THR A 193 14.41 19.46 35.16
CA THR A 193 13.24 19.97 35.85
C THR A 193 11.96 19.88 35.02
N ASP A 194 12.02 19.27 33.84
CA ASP A 194 10.85 19.05 32.99
C ASP A 194 9.88 18.10 33.70
N PRO A 195 8.61 18.48 33.90
CA PRO A 195 7.71 17.57 34.66
C PRO A 195 7.51 16.24 33.97
N GLY A 196 7.36 16.20 32.65
CA GLY A 196 7.28 14.93 31.97
C GLY A 196 8.50 14.07 32.22
N ASN A 197 9.68 14.68 32.24
CA ASN A 197 10.90 13.92 32.46
C ASN A 197 10.96 13.34 33.86
N ILE A 198 10.62 14.11 34.89
CA ILE A 198 10.65 13.60 36.26
C ILE A 198 9.62 12.49 36.43
N TRP A 199 8.45 12.63 35.80
CA TRP A 199 7.41 11.60 35.91
C TRP A 199 7.89 10.26 35.34
N MET A 200 8.38 10.28 34.09
CA MET A 200 8.91 9.06 33.47
C MET A 200 10.12 8.51 34.24
N ARG A 201 11.04 9.38 34.64
CA ARG A 201 12.17 9.00 35.49
C ARG A 201 11.72 8.15 36.67
N GLU A 202 10.80 8.71 37.45
CA GLU A 202 10.39 8.05 38.69
C GLU A 202 9.72 6.72 38.39
N ILE A 203 8.96 6.64 37.29
CA ILE A 203 8.35 5.37 36.93
C ILE A 203 9.41 4.32 36.58
N MET A 204 10.41 4.72 35.79
CA MET A 204 11.45 3.77 35.41
C MET A 204 12.18 3.26 36.63
N ILE A 205 12.46 4.13 37.58
CA ILE A 205 13.21 3.69 38.76
C ILE A 205 12.37 2.76 39.62
N GLN A 206 11.08 3.06 39.78
CA GLN A 206 10.18 2.15 40.47
C GLN A 206 10.27 0.74 39.89
N GLU A 207 10.13 0.64 38.57
CA GLU A 207 10.16 -0.67 37.91
C GLU A 207 11.50 -1.35 38.11
N ALA A 208 12.59 -0.58 37.98
CA ALA A 208 13.92 -1.18 38.14
C ALA A 208 14.10 -1.75 39.54
N LEU A 209 13.50 -1.12 40.55
CA LEU A 209 13.60 -1.65 41.91
C LEU A 209 12.83 -2.97 42.04
N ARG A 210 11.61 -2.99 41.50
CA ARG A 210 10.88 -4.26 41.41
C ARG A 210 11.78 -5.34 40.82
N MET A 211 12.51 -5.01 39.77
CA MET A 211 13.37 -5.98 39.09
C MET A 211 14.58 -6.37 39.92
N GLU A 212 15.14 -5.41 40.65
CA GLU A 212 16.27 -5.71 41.54
C GLU A 212 15.87 -6.78 42.55
N SER A 213 14.60 -6.80 42.96
CA SER A 213 14.15 -7.84 43.90
C SER A 213 14.29 -9.25 43.35
N GLU A 214 14.26 -9.43 42.02
CA GLU A 214 14.18 -10.75 41.39
C GLU A 214 15.51 -11.50 41.40
N ASN B 1 -42.88 -14.40 -8.10
CA ASN B 1 -42.13 -14.75 -9.31
C ASN B 1 -41.22 -13.58 -9.71
N PRO B 2 -39.99 -13.91 -10.13
CA PRO B 2 -39.06 -12.86 -10.55
C PRO B 2 -39.03 -12.66 -12.07
N ALA B 3 -39.52 -13.66 -12.82
CA ALA B 3 -39.39 -13.62 -14.26
C ALA B 3 -40.28 -12.55 -14.88
N GLU B 4 -41.37 -12.18 -14.24
CA GLU B 4 -42.10 -11.01 -14.68
C GLU B 4 -42.20 -9.95 -13.58
N SER B 5 -41.14 -9.76 -12.82
CA SER B 5 -41.12 -8.58 -11.98
C SER B 5 -40.79 -7.42 -12.93
N ASP B 6 -41.37 -6.27 -12.67
CA ASP B 6 -40.97 -5.07 -13.38
C ASP B 6 -40.34 -4.07 -12.40
N ARG B 7 -39.68 -4.60 -11.38
CA ARG B 7 -38.95 -3.82 -10.41
C ARG B 7 -37.76 -3.09 -11.04
N ARG B 8 -37.49 -1.90 -10.51
CA ARG B 8 -36.32 -1.10 -10.86
C ARG B 8 -35.38 -1.13 -9.67
N PHE B 9 -34.22 -1.74 -9.86
CA PHE B 9 -33.19 -1.77 -8.82
C PHE B 9 -32.20 -0.65 -9.06
N ARG B 10 -31.78 0.00 -7.96
CA ARG B 10 -30.76 1.03 -7.99
C ARG B 10 -29.46 0.48 -7.39
N ILE B 11 -28.35 0.59 -8.14
CA ILE B 11 -27.06 0.07 -7.68
C ILE B 11 -26.00 1.16 -7.72
N ILE B 12 -25.20 1.25 -6.66
CA ILE B 12 -24.04 2.13 -6.62
C ILE B 12 -22.79 1.30 -6.82
N LEU B 13 -21.93 1.73 -7.75
CA LEU B 13 -20.77 0.94 -8.12
C LEU B 13 -19.82 1.81 -8.92
N SER B 14 -18.61 1.29 -9.11
CA SER B 14 -17.63 1.97 -9.92
C SER B 14 -17.88 1.71 -11.41
N ASP B 15 -17.44 2.66 -12.23
CA ASP B 15 -17.45 2.45 -13.67
C ASP B 15 -16.73 1.17 -14.05
N PHE B 16 -15.65 0.86 -13.33
CA PHE B 16 -14.94 -0.40 -13.55
C PHE B 16 -15.88 -1.57 -13.30
N MET B 17 -16.60 -1.52 -12.20
CA MET B 17 -17.40 -2.67 -11.81
C MET B 17 -18.63 -2.78 -12.68
N ALA B 18 -19.16 -1.66 -13.14
CA ALA B 18 -20.24 -1.65 -14.12
C ALA B 18 -19.80 -2.29 -15.43
N LEU B 19 -18.57 -1.99 -15.88
CA LEU B 19 -18.13 -2.42 -17.19
C LEU B 19 -17.69 -3.87 -17.18
N VAL B 20 -17.02 -4.29 -16.12
CA VAL B 20 -16.42 -5.61 -16.05
C VAL B 20 -17.29 -6.62 -15.35
N PHE B 21 -18.31 -6.19 -14.62
CA PHE B 21 -19.13 -7.16 -13.89
C PHE B 21 -20.62 -6.97 -14.11
N PHE B 22 -21.13 -5.78 -13.84
CA PHE B 22 -22.57 -5.64 -13.92
C PHE B 22 -23.10 -5.77 -15.33
N ASP B 23 -22.25 -5.55 -16.34
CA ASP B 23 -22.63 -5.84 -17.72
C ASP B 23 -23.16 -7.25 -17.83
N LYS B 24 -22.48 -8.20 -17.16
CA LYS B 24 -22.93 -9.58 -17.19
C LYS B 24 -24.32 -9.70 -16.60
N ILE B 25 -24.58 -8.98 -15.52
CA ILE B 25 -25.90 -9.04 -14.88
C ILE B 25 -26.96 -8.53 -15.84
N ILE B 26 -26.71 -7.35 -16.43
CA ILE B 26 -27.67 -6.81 -17.38
C ILE B 26 -27.90 -7.77 -18.56
N LEU B 27 -26.84 -8.41 -19.06
CA LEU B 27 -26.99 -9.37 -20.16
C LEU B 27 -27.89 -10.54 -19.77
N ARG B 28 -27.57 -11.21 -18.68
CA ARG B 28 -28.38 -12.34 -18.24
C ARG B 28 -29.82 -11.90 -17.95
N LEU B 29 -29.97 -10.77 -17.28
CA LEU B 29 -31.29 -10.39 -16.85
C LEU B 29 -32.14 -9.87 -17.98
N ALA B 30 -31.53 -9.37 -19.05
CA ALA B 30 -32.33 -9.01 -20.22
C ALA B 30 -32.99 -10.24 -20.78
N ARG B 31 -32.52 -11.42 -20.38
CA ARG B 31 -33.04 -12.71 -20.78
C ARG B 31 -34.04 -13.23 -19.75
N GLU B 32 -33.62 -13.34 -18.48
CA GLU B 32 -34.42 -14.03 -17.47
C GLU B 32 -35.51 -13.17 -16.84
N ALA B 33 -35.42 -11.86 -16.95
CA ALA B 33 -36.41 -11.00 -16.31
C ALA B 33 -36.43 -9.67 -17.04
N PRO B 34 -37.07 -9.61 -18.21
CA PRO B 34 -36.96 -8.44 -19.10
C PRO B 34 -37.77 -7.22 -18.70
N GLY B 35 -38.50 -7.25 -17.58
CA GLY B 35 -39.19 -6.07 -17.13
C GLY B 35 -38.43 -5.40 -16.01
N VAL B 36 -37.40 -6.10 -15.52
CA VAL B 36 -36.57 -5.55 -14.46
C VAL B 36 -35.66 -4.50 -15.07
N SER B 37 -35.61 -3.33 -14.44
CA SER B 37 -34.84 -2.20 -14.94
C SER B 37 -33.78 -1.81 -13.92
N PHE B 38 -32.82 -0.99 -14.36
CA PHE B 38 -31.66 -0.66 -13.53
C PHE B 38 -31.30 0.81 -13.60
N GLU B 39 -30.99 1.39 -12.45
CA GLU B 39 -30.34 2.70 -12.38
C GLU B 39 -28.99 2.51 -11.70
N LEU B 40 -27.92 2.65 -12.46
CA LEU B 40 -26.57 2.57 -11.93
C LEU B 40 -26.14 3.93 -11.40
N LEU B 41 -25.79 3.99 -10.13
CA LEU B 41 -25.47 5.27 -9.54
C LEU B 41 -23.97 5.40 -9.36
N PRO B 42 -23.44 6.59 -9.60
CA PRO B 42 -22.00 6.79 -9.41
C PRO B 42 -21.63 6.87 -7.93
N LEU B 43 -20.37 6.51 -7.66
CA LEU B 43 -19.79 6.65 -6.33
C LEU B 43 -19.49 8.10 -6.06
N ASP B 44 -20.00 8.64 -4.96
CA ASP B 44 -19.67 10.04 -4.69
C ASP B 44 -19.67 10.35 -3.21
N ASP B 45 -20.84 10.68 -2.68
CA ASP B 45 -20.98 10.94 -1.26
C ASP B 45 -21.02 9.63 -0.50
N ASP B 46 -20.92 9.74 0.82
CA ASP B 46 -21.07 8.59 1.69
C ASP B 46 -22.27 7.75 1.26
N PRO B 47 -22.03 6.53 0.77
CA PRO B 47 -23.14 5.65 0.43
C PRO B 47 -23.90 5.16 1.65
N GLU B 48 -23.34 5.34 2.84
CA GLU B 48 -23.98 4.86 4.08
C GLU B 48 -25.36 5.50 4.22
N GLU B 49 -25.46 6.81 4.03
CA GLU B 49 -26.77 7.50 4.24
C GLU B 49 -27.80 6.83 3.32
N LEU B 50 -27.44 6.64 2.05
CA LEU B 50 -28.38 6.03 1.08
C LEU B 50 -28.66 4.60 1.52
N LEU B 51 -27.78 4.01 2.33
CA LEU B 51 -28.05 2.58 2.67
C LEU B 51 -29.00 2.49 3.87
N ARG B 52 -28.71 3.20 4.95
CA ARG B 52 -29.54 3.15 6.17
C ARG B 52 -30.98 3.49 5.83
N ARG B 53 -31.19 4.40 4.90
CA ARG B 53 -32.56 4.88 4.55
C ARG B 53 -33.22 3.88 3.58
N GLY B 54 -32.44 2.95 3.04
CA GLY B 54 -32.99 1.96 2.09
C GLY B 54 -33.39 2.62 0.79
N ASP B 55 -32.69 3.69 0.42
CA ASP B 55 -33.00 4.34 -0.86
C ASP B 55 -32.29 3.70 -2.06
N VAL B 56 -31.46 2.68 -1.86
CA VAL B 56 -30.86 1.93 -2.95
C VAL B 56 -30.89 0.46 -2.61
N ASP B 57 -30.82 -0.39 -3.63
CA ASP B 57 -30.85 -1.83 -3.42
C ASP B 57 -29.46 -2.39 -3.13
N PHE B 58 -28.42 -1.88 -3.80
CA PHE B 58 -27.09 -2.48 -3.68
C PHE B 58 -25.99 -1.44 -3.73
N LEU B 59 -24.88 -1.77 -3.06
CA LEU B 59 -23.63 -1.03 -3.16
C LEU B 59 -22.49 -2.01 -3.43
N ILE B 60 -21.80 -1.84 -4.56
CA ILE B 60 -20.67 -2.67 -4.94
C ILE B 60 -19.39 -1.88 -4.72
N LEU B 61 -18.46 -2.43 -3.93
CA LEU B 61 -17.26 -1.75 -3.48
C LEU B 61 -16.25 -2.79 -3.04
N PRO B 62 -14.95 -2.48 -3.09
CA PRO B 62 -13.98 -3.36 -2.40
C PRO B 62 -14.32 -3.40 -0.92
N ASP B 63 -14.16 -4.57 -0.31
CA ASP B 63 -14.75 -4.74 1.01
C ASP B 63 -14.04 -3.95 2.10
N LEU B 64 -12.79 -3.52 1.87
CA LEU B 64 -12.13 -2.69 2.86
C LEU B 64 -12.84 -1.36 3.03
N PHE B 65 -13.53 -0.88 2.00
CA PHE B 65 -14.21 0.41 2.10
C PHE B 65 -15.60 0.32 2.70
N MET B 66 -16.07 -0.87 3.05
CA MET B 66 -17.42 -1.00 3.57
C MET B 66 -17.45 -1.02 5.10
N SER B 67 -18.58 -0.60 5.66
CA SER B 67 -18.81 -0.66 7.10
C SER B 67 -19.54 -1.94 7.47
N GLY B 68 -19.63 -2.19 8.77
CA GLY B 68 -20.32 -3.33 9.33
C GLY B 68 -21.77 -3.09 9.68
N ALA B 69 -22.36 -2.00 9.20
CA ALA B 69 -23.74 -1.68 9.49
C ALA B 69 -24.74 -2.31 8.53
N HIS B 70 -24.26 -3.03 7.51
CA HIS B 70 -25.20 -3.63 6.56
C HIS B 70 -24.66 -4.96 6.05
N PRO B 71 -25.55 -5.85 5.62
CA PRO B 71 -25.10 -7.16 5.12
C PRO B 71 -24.34 -7.06 3.80
N LYS B 72 -23.28 -7.85 3.67
CA LYS B 72 -22.37 -7.75 2.55
C LYS B 72 -21.93 -9.15 2.14
N ALA B 73 -21.46 -9.28 0.89
CA ALA B 73 -21.06 -10.58 0.37
C ALA B 73 -19.87 -10.48 -0.58
N ARG B 74 -18.92 -11.39 -0.40
CA ARG B 74 -17.73 -11.49 -1.24
C ARG B 74 -18.13 -11.73 -2.70
N LEU B 75 -17.66 -10.87 -3.60
CA LEU B 75 -17.86 -11.08 -5.04
C LEU B 75 -16.66 -11.81 -5.61
N PHE B 76 -15.51 -11.14 -5.69
CA PHE B 76 -14.31 -11.87 -6.11
C PHE B 76 -13.06 -11.09 -5.72
N GLU B 77 -11.91 -11.74 -5.90
CA GLU B 77 -10.63 -11.13 -5.59
C GLU B 77 -10.15 -10.36 -6.81
N GLU B 78 -9.64 -9.14 -6.57
CA GLU B 78 -9.19 -8.25 -7.65
C GLU B 78 -7.77 -7.78 -7.38
N ARG B 79 -6.88 -8.08 -8.31
CA ARG B 79 -5.51 -7.63 -8.20
C ARG B 79 -5.35 -6.20 -8.72
N LEU B 80 -4.45 -5.45 -8.10
CA LEU B 80 -4.15 -4.07 -8.44
C LEU B 80 -2.81 -4.04 -9.16
N VAL B 81 -2.79 -3.70 -10.45
CA VAL B 81 -1.54 -3.71 -11.22
C VAL B 81 -1.16 -2.30 -11.66
N CYS B 82 0.13 -2.17 -11.93
CA CYS B 82 0.69 -0.94 -12.46
C CYS B 82 0.91 -1.08 -13.96
N VAL B 83 0.33 -0.15 -14.74
CA VAL B 83 0.33 -0.24 -16.19
C VAL B 83 0.88 1.05 -16.78
N GLY B 84 1.49 0.90 -17.97
CA GLY B 84 1.96 2.00 -18.80
C GLY B 84 1.67 1.72 -20.26
N CYS B 85 2.14 2.60 -21.17
CA CYS B 85 1.94 2.56 -22.62
C CYS B 85 3.06 1.79 -23.31
N PRO B 86 2.70 0.92 -24.27
CA PRO B 86 3.71 0.26 -25.10
C PRO B 86 4.71 1.21 -25.76
N THR B 87 4.26 2.41 -26.11
CA THR B 87 5.15 3.44 -26.68
C THR B 87 6.13 3.98 -25.64
N ASN B 88 5.90 3.69 -24.36
CA ASN B 88 6.76 4.26 -23.28
C ASN B 88 8.12 3.55 -23.33
N GLU B 89 9.21 4.29 -23.17
CA GLU B 89 10.54 3.66 -23.34
C GLU B 89 11.01 3.11 -22.00
N GLN B 90 11.15 3.97 -21.00
CA GLN B 90 11.66 3.53 -19.68
C GLN B 90 10.92 2.28 -19.20
N LEU B 91 9.73 2.01 -19.71
CA LEU B 91 8.94 0.88 -19.16
C LEU B 91 9.38 -0.42 -19.82
N GLN B 92 10.39 -0.37 -20.69
CA GLN B 92 10.92 -1.61 -21.27
C GLN B 92 12.06 -2.06 -20.36
N GLY B 93 11.88 -3.18 -19.65
CA GLY B 93 12.90 -3.63 -18.68
C GLY B 93 12.35 -3.73 -17.26
N GLN B 94 13.04 -3.15 -16.28
CA GLN B 94 12.61 -3.27 -14.87
C GLN B 94 12.32 -1.89 -14.27
N LEU B 95 11.31 -1.81 -13.42
CA LEU B 95 10.99 -0.53 -12.73
C LEU B 95 11.16 -0.70 -11.21
N SER B 96 11.79 0.28 -10.54
CA SER B 96 11.94 0.23 -9.06
C SER B 96 10.89 1.11 -8.39
N LEU B 97 10.60 0.88 -7.11
CA LEU B 97 9.65 1.76 -6.38
C LEU B 97 10.17 3.19 -6.45
N GLU B 98 11.48 3.37 -6.30
CA GLU B 98 12.08 4.73 -6.43
C GLU B 98 11.79 5.27 -7.83
N GLN B 99 12.01 4.45 -8.86
CA GLN B 99 11.77 4.89 -10.26
C GLN B 99 10.27 5.23 -10.43
N TYR B 100 9.38 4.40 -9.87
CA TYR B 100 7.93 4.63 -9.97
C TYR B 100 7.58 6.00 -9.41
N MET B 101 8.15 6.34 -8.26
CA MET B 101 7.81 7.61 -7.58
C MET B 101 8.42 8.80 -8.34
N SER B 102 9.20 8.53 -9.39
CA SER B 102 9.87 9.63 -10.15
C SER B 102 9.15 9.85 -11.48
N MET B 103 8.13 9.04 -11.77
CA MET B 103 7.43 9.12 -13.07
C MET B 103 6.09 9.85 -12.92
N GLY B 104 5.44 10.16 -14.05
CA GLY B 104 4.12 10.82 -14.02
C GLY B 104 3.02 9.80 -13.89
N HIS B 105 2.04 10.06 -13.03
CA HIS B 105 0.99 9.03 -12.79
C HIS B 105 -0.40 9.54 -13.12
N VAL B 106 -1.25 8.63 -13.61
CA VAL B 106 -2.67 8.96 -13.89
C VAL B 106 -3.50 8.26 -12.79
N ALA B 107 -4.35 9.00 -12.09
CA ALA B 107 -5.11 8.41 -10.96
C ALA B 107 -6.60 8.68 -11.07
N ALA B 108 -7.40 7.90 -10.34
CA ALA B 108 -8.87 8.05 -10.39
C ALA B 108 -9.40 8.72 -9.12
N LYS B 109 -10.29 9.71 -9.29
CA LYS B 109 -10.93 10.38 -8.14
C LYS B 109 -12.44 10.17 -8.24
N PHE B 110 -13.04 9.54 -7.24
CA PHE B 110 -14.49 9.23 -7.34
C PHE B 110 -15.30 10.38 -6.76
N GLY B 111 -15.81 11.25 -7.64
CA GLY B 111 -16.68 12.35 -7.20
C GLY B 111 -15.94 13.43 -6.45
N ARG B 112 -16.24 13.60 -5.17
CA ARG B 112 -15.61 14.66 -4.34
C ARG B 112 -14.40 14.08 -3.60
N GLY B 113 -13.94 12.89 -4.02
CA GLY B 113 -12.77 12.26 -3.38
C GLY B 113 -13.00 11.97 -1.92
N LEU B 114 -14.20 11.51 -1.57
CA LEU B 114 -14.55 11.26 -0.15
C LEU B 114 -13.62 10.17 0.41
N LYS B 115 -13.48 9.07 -0.32
CA LYS B 115 -12.62 7.95 0.14
C LYS B 115 -11.41 7.84 -0.80
N PRO B 116 -10.24 7.38 -0.30
CA PRO B 116 -9.06 7.28 -1.13
C PRO B 116 -9.02 6.00 -1.95
N SER B 117 -8.22 6.00 -3.02
CA SER B 117 -8.04 4.78 -3.84
C SER B 117 -7.32 3.73 -3.00
N VAL B 118 -7.37 2.46 -3.41
CA VAL B 118 -6.76 1.41 -2.54
C VAL B 118 -5.25 1.68 -2.43
N GLU B 119 -4.59 2.04 -3.53
CA GLU B 119 -3.10 2.24 -3.51
C GLU B 119 -2.79 3.55 -2.79
N GLN B 120 -3.56 4.60 -3.07
CA GLN B 120 -3.34 5.92 -2.44
C GLN B 120 -3.15 5.77 -0.92
N LYS B 129 4.77 10.55 -1.50
CA LYS B 129 3.58 10.52 -2.39
C LYS B 129 4.02 10.48 -3.86
N ARG B 130 3.11 10.13 -4.77
CA ARG B 130 3.43 10.08 -6.22
C ARG B 130 3.07 11.41 -6.87
N ARG B 131 3.68 11.69 -8.03
CA ARG B 131 3.31 12.92 -8.79
C ARG B 131 2.19 12.57 -9.75
N ILE B 132 0.98 13.03 -9.47
CA ILE B 132 -0.19 12.73 -10.33
C ILE B 132 -0.38 13.88 -11.32
N GLU B 133 -0.18 13.61 -12.61
CA GLU B 133 -0.27 14.66 -13.65
C GLU B 133 -1.65 14.59 -14.33
N LEU B 134 -2.41 13.53 -14.06
CA LEU B 134 -3.77 13.41 -14.62
C LEU B 134 -4.71 12.78 -13.60
N VAL B 135 -5.73 13.53 -13.19
CA VAL B 135 -6.76 12.97 -12.27
C VAL B 135 -8.02 12.79 -13.12
N VAL B 136 -8.57 11.58 -13.14
CA VAL B 136 -9.74 11.30 -14.02
C VAL B 136 -10.94 10.88 -13.17
N PRO B 137 -12.18 11.22 -13.56
CA PRO B 137 -13.33 10.91 -12.74
C PRO B 137 -13.64 9.42 -12.54
N GLY B 138 -12.81 8.52 -13.05
CA GLY B 138 -13.01 7.08 -12.82
C GLY B 138 -11.82 6.26 -13.24
N PHE B 139 -11.98 4.95 -13.33
CA PHE B 139 -10.87 4.05 -13.73
C PHE B 139 -10.93 3.77 -15.22
N ASN B 140 -12.11 3.81 -15.82
CA ASN B 140 -12.28 3.41 -17.23
C ASN B 140 -11.59 4.38 -18.20
N LEU B 141 -11.54 5.66 -17.87
CA LEU B 141 -10.94 6.67 -18.78
C LEU B 141 -9.42 6.67 -18.62
N ILE B 142 -8.88 5.93 -17.68
CA ILE B 142 -7.42 5.95 -17.42
C ILE B 142 -6.67 5.26 -18.57
N PRO B 143 -7.00 4.02 -18.98
CA PRO B 143 -6.25 3.40 -20.05
C PRO B 143 -6.24 4.25 -21.33
N PRO B 144 -7.38 4.71 -21.87
CA PRO B 144 -7.36 5.57 -23.04
C PRO B 144 -6.57 6.88 -22.93
N LEU B 145 -6.59 7.54 -21.77
CA LEU B 145 -5.97 8.87 -21.64
C LEU B 145 -4.51 8.71 -21.21
N LEU B 146 -4.09 7.49 -20.90
CA LEU B 146 -2.67 7.22 -20.58
C LEU B 146 -1.97 6.76 -21.86
N SER B 147 -2.75 6.21 -22.78
CA SER B 147 -2.18 5.74 -24.06
C SER B 147 -1.59 6.91 -24.82
N GLY B 148 -0.32 6.81 -25.22
CA GLY B 148 0.31 7.86 -26.03
C GLY B 148 1.16 8.75 -25.19
N THR B 149 1.29 8.43 -23.90
CA THR B 149 2.04 9.31 -22.99
C THR B 149 3.04 8.48 -22.21
N ASN B 150 3.91 9.16 -21.46
CA ASN B 150 4.92 8.46 -20.63
C ASN B 150 4.36 8.32 -19.22
N ARG B 151 3.04 8.35 -19.09
CA ARG B 151 2.43 8.32 -17.74
C ARG B 151 2.08 6.88 -17.36
N ILE B 152 2.12 6.59 -16.07
CA ILE B 152 1.80 5.22 -15.57
C ILE B 152 0.58 5.33 -14.65
N ALA B 153 -0.05 4.20 -14.35
CA ALA B 153 -1.23 4.21 -13.47
C ALA B 153 -1.34 2.87 -12.76
N THR B 154 -2.12 2.86 -11.67
CA THR B 154 -2.38 1.60 -10.96
C THR B 154 -3.88 1.39 -10.95
N ILE B 155 -4.33 0.25 -11.46
CA ILE B 155 -5.73 -0.02 -11.75
C ILE B 155 -6.02 -1.52 -11.66
N PRO B 156 -7.27 -1.95 -11.64
CA PRO B 156 -7.57 -3.39 -11.57
C PRO B 156 -7.08 -4.18 -12.79
N LEU B 157 -6.52 -5.35 -12.54
CA LEU B 157 -6.01 -6.18 -13.63
C LEU B 157 -7.12 -6.67 -14.55
N ARG B 158 -8.33 -6.85 -14.02
CA ARG B 158 -9.48 -7.18 -14.87
C ARG B 158 -9.78 -6.06 -15.87
N LEU B 159 -9.51 -4.81 -15.50
CA LEU B 159 -9.68 -3.70 -16.44
C LEU B 159 -8.67 -3.80 -17.56
N VAL B 160 -7.42 -4.08 -17.20
CA VAL B 160 -6.40 -4.29 -18.21
C VAL B 160 -6.82 -5.35 -19.19
N LYS B 161 -7.33 -6.47 -18.71
CA LYS B 161 -7.67 -7.59 -19.64
C LYS B 161 -8.84 -7.23 -20.57
N HIS B 162 -9.64 -6.22 -20.23
CA HIS B 162 -10.82 -5.84 -21.05
C HIS B 162 -10.39 -4.99 -22.24
N TYR B 163 -9.38 -4.14 -22.05
CA TYR B 163 -8.90 -3.25 -23.12
C TYR B 163 -7.77 -3.91 -23.90
N GLU B 164 -7.55 -5.19 -23.65
CA GLU B 164 -6.40 -5.91 -24.27
C GLU B 164 -6.41 -5.77 -25.79
N ARG B 165 -7.59 -5.79 -26.41
CA ARG B 165 -7.67 -5.75 -27.89
C ARG B 165 -8.06 -4.33 -28.33
N THR B 166 -8.13 -3.40 -27.39
CA THR B 166 -8.48 -2.01 -27.73
C THR B 166 -7.27 -1.15 -27.44
N ILE B 167 -7.02 -0.85 -26.17
CA ILE B 167 -5.81 -0.08 -25.79
C ILE B 167 -4.78 -1.08 -25.26
N PRO B 168 -3.66 -1.36 -25.96
CA PRO B 168 -2.66 -2.25 -25.40
C PRO B 168 -1.99 -1.56 -24.25
N LEU B 169 -1.67 -2.33 -23.22
CA LEU B 169 -1.03 -1.72 -22.03
C LEU B 169 0.11 -2.63 -21.59
N ARG B 170 1.18 -2.05 -21.06
CA ARG B 170 2.30 -2.85 -20.53
C ARG B 170 2.09 -3.05 -19.02
N ILE B 171 2.00 -4.30 -18.58
CA ILE B 171 1.87 -4.59 -17.13
C ILE B 171 3.27 -4.54 -16.51
N ILE B 172 3.51 -3.61 -15.60
CA ILE B 172 4.85 -3.42 -15.00
C ILE B 172 4.91 -4.11 -13.63
N GLU B 173 5.63 -5.22 -13.52
CA GLU B 173 5.82 -5.89 -12.20
C GLU B 173 7.24 -5.52 -11.72
N HIS B 174 7.59 -5.78 -10.47
CA HIS B 174 8.93 -5.47 -9.88
C HIS B 174 8.88 -4.25 -8.93
N PRO B 175 8.39 -3.04 -9.33
CA PRO B 175 8.28 -1.89 -8.44
C PRO B 175 6.93 -1.94 -7.79
N LEU B 176 6.57 -3.10 -7.29
CA LEU B 176 5.20 -3.21 -6.79
C LEU B 176 5.03 -4.36 -5.81
N PRO B 177 4.59 -4.07 -4.59
CA PRO B 177 4.26 -5.15 -3.69
C PRO B 177 3.03 -5.70 -4.39
N LEU B 178 2.79 -6.99 -4.28
CA LEU B 178 1.54 -7.56 -4.83
C LEU B 178 0.39 -7.08 -3.94
N VAL B 179 -0.54 -6.31 -4.52
CA VAL B 179 -1.70 -5.80 -3.75
C VAL B 179 -2.98 -6.31 -4.40
N SER B 180 -3.80 -7.01 -3.62
CA SER B 180 -5.09 -7.54 -4.13
C SER B 180 -6.16 -7.27 -3.08
N PHE B 181 -7.27 -6.66 -3.48
CA PHE B 181 -8.37 -6.48 -2.54
C PHE B 181 -9.51 -7.41 -2.96
N THR B 182 -10.65 -7.28 -2.29
CA THR B 182 -11.80 -8.15 -2.55
C THR B 182 -13.02 -7.31 -2.88
N GLU B 183 -13.48 -7.39 -4.11
CA GLU B 183 -14.72 -6.69 -4.47
C GLU B 183 -15.90 -7.44 -3.88
N ALA B 184 -16.83 -6.68 -3.29
CA ALA B 184 -17.98 -7.22 -2.58
C ALA B 184 -19.22 -6.36 -2.82
N VAL B 185 -20.36 -6.94 -2.43
CA VAL B 185 -21.67 -6.30 -2.55
C VAL B 185 -22.29 -6.18 -1.16
N GLN B 186 -22.98 -5.08 -0.92
CA GLN B 186 -23.66 -4.80 0.33
C GLN B 186 -25.08 -4.38 -0.02
N TRP B 187 -26.02 -4.68 0.88
CA TRP B 187 -27.41 -4.27 0.75
C TRP B 187 -27.88 -3.73 2.08
N PRO B 188 -28.91 -2.87 2.11
CA PRO B 188 -29.43 -2.36 3.38
C PRO B 188 -29.98 -3.48 4.28
N ALA B 189 -29.69 -3.34 5.58
CA ALA B 189 -30.28 -4.25 6.57
C ALA B 189 -31.80 -4.28 6.43
N LEU B 190 -32.42 -3.11 6.27
CA LEU B 190 -33.87 -3.04 6.08
C LEU B 190 -34.36 -3.91 4.94
N HIS B 191 -33.49 -4.28 4.02
CA HIS B 191 -33.88 -5.02 2.81
C HIS B 191 -33.37 -6.45 2.84
N ASN B 192 -32.76 -6.87 3.95
CA ASN B 192 -32.09 -8.16 4.02
C ASN B 192 -33.02 -9.34 3.75
N THR B 193 -34.34 -9.15 3.85
CA THR B 193 -35.29 -10.24 3.62
C THR B 193 -36.20 -10.00 2.42
N ASP B 194 -36.01 -8.90 1.69
CA ASP B 194 -36.85 -8.66 0.52
C ASP B 194 -36.59 -9.75 -0.52
N PRO B 195 -37.63 -10.47 -0.97
CA PRO B 195 -37.38 -11.56 -1.93
C PRO B 195 -36.75 -11.09 -3.21
N GLY B 196 -37.19 -9.93 -3.74
CA GLY B 196 -36.51 -9.37 -4.90
C GLY B 196 -35.03 -9.12 -4.64
N ASN B 197 -34.73 -8.61 -3.44
CA ASN B 197 -33.35 -8.33 -3.10
C ASN B 197 -32.54 -9.61 -3.03
N ILE B 198 -33.06 -10.66 -2.39
CA ILE B 198 -32.32 -11.91 -2.31
C ILE B 198 -32.13 -12.51 -3.69
N TRP B 199 -33.14 -12.42 -4.54
CA TRP B 199 -33.04 -13.01 -5.87
C TRP B 199 -31.90 -12.38 -6.68
N MET B 200 -31.90 -11.04 -6.77
CA MET B 200 -30.81 -10.34 -7.45
C MET B 200 -29.46 -10.63 -6.80
N ARG B 201 -29.41 -10.59 -5.46
CA ARG B 201 -28.23 -10.96 -4.69
C ARG B 201 -27.63 -12.27 -5.17
N GLU B 202 -28.46 -13.31 -5.20
CA GLU B 202 -27.99 -14.65 -5.53
C GLU B 202 -27.45 -14.69 -6.95
N ILE B 203 -28.10 -13.94 -7.87
CA ILE B 203 -27.60 -13.91 -9.23
C ILE B 203 -26.22 -13.25 -9.30
N MET B 204 -26.04 -12.14 -8.59
CA MET B 204 -24.75 -11.47 -8.59
C MET B 204 -23.66 -12.37 -8.04
N ILE B 205 -23.97 -13.13 -6.97
CA ILE B 205 -22.94 -13.99 -6.39
C ILE B 205 -22.59 -15.12 -7.33
N GLN B 206 -23.59 -15.75 -7.94
CA GLN B 206 -23.31 -16.78 -8.94
C GLN B 206 -22.35 -16.28 -10.01
N GLU B 207 -22.69 -15.13 -10.60
CA GLU B 207 -21.87 -14.56 -11.66
C GLU B 207 -20.46 -14.25 -11.16
N ALA B 208 -20.34 -13.74 -9.92
CA ALA B 208 -19.03 -13.44 -9.38
C ALA B 208 -18.19 -14.70 -9.21
N LEU B 209 -18.83 -15.83 -8.87
CA LEU B 209 -18.10 -17.08 -8.72
C LEU B 209 -17.56 -17.54 -10.06
N ARG B 210 -18.42 -17.50 -11.06
CA ARG B 210 -18.02 -17.74 -12.44
C ARG B 210 -16.82 -16.84 -12.85
N MET B 211 -16.78 -15.58 -12.42
CA MET B 211 -15.63 -14.72 -12.78
C MET B 211 -14.38 -15.04 -11.95
N GLU B 212 -14.54 -15.30 -10.66
CA GLU B 212 -13.43 -15.77 -9.81
C GLU B 212 -12.80 -17.02 -10.36
N SER B 213 -13.58 -17.83 -11.10
CA SER B 213 -13.11 -19.09 -11.69
C SER B 213 -11.84 -18.96 -12.53
N GLU B 214 -11.49 -17.76 -13.03
CA GLU B 214 -10.17 -17.55 -13.76
C GLU B 214 -8.99 -17.45 -12.77
N PRO C 2 6.14 30.77 -21.29
CA PRO C 2 6.07 29.91 -22.47
C PRO C 2 5.07 28.77 -22.28
N ALA C 3 5.48 27.56 -22.65
CA ALA C 3 4.63 26.37 -22.46
C ALA C 3 5.40 25.36 -21.61
N GLU C 4 6.37 25.83 -20.85
CA GLU C 4 7.16 24.94 -19.96
C GLU C 4 6.72 25.19 -18.50
N SER C 5 5.41 25.27 -18.28
CA SER C 5 4.86 25.56 -16.94
C SER C 5 4.62 24.26 -16.15
N ASP C 6 4.19 24.41 -14.90
CA ASP C 6 3.85 23.22 -14.06
C ASP C 6 2.41 23.44 -13.58
N ARG C 7 1.61 24.16 -14.37
CA ARG C 7 0.23 24.52 -13.95
C ARG C 7 -0.72 23.32 -14.07
N ARG C 8 -1.60 23.15 -13.08
CA ARG C 8 -2.64 22.10 -13.15
C ARG C 8 -3.92 22.78 -13.64
N PHE C 9 -4.44 22.34 -14.79
CA PHE C 9 -5.71 22.91 -15.30
C PHE C 9 -6.85 22.01 -14.88
N ARG C 10 -7.91 22.58 -14.32
CA ARG C 10 -9.10 21.81 -13.98
C ARG C 10 -10.16 22.05 -15.06
N ILE C 11 -10.73 20.97 -15.60
CA ILE C 11 -11.71 21.04 -16.67
C ILE C 11 -12.98 20.29 -16.24
N ILE C 12 -14.14 20.86 -16.54
CA ILE C 12 -15.42 20.18 -16.35
C ILE C 12 -15.95 19.78 -17.73
N LEU C 13 -16.29 18.51 -17.86
CA LEU C 13 -16.65 17.95 -19.16
C LEU C 13 -17.28 16.58 -18.96
N SER C 14 -17.88 16.07 -20.03
CA SER C 14 -18.44 14.74 -20.04
C SER C 14 -17.39 13.68 -20.34
N ASP C 15 -17.65 12.46 -19.86
CA ASP C 15 -16.83 11.33 -20.25
C ASP C 15 -16.75 11.22 -21.77
N PHE C 16 -17.85 11.56 -22.46
CA PHE C 16 -17.82 11.57 -23.92
C PHE C 16 -16.77 12.54 -24.43
N MET C 17 -16.76 13.76 -23.89
CA MET C 17 -15.82 14.76 -24.38
C MET C 17 -14.42 14.48 -23.89
N ALA C 18 -14.28 13.89 -22.71
CA ALA C 18 -12.98 13.42 -22.27
C ALA C 18 -12.39 12.39 -23.24
N LEU C 19 -13.23 11.46 -23.73
CA LEU C 19 -12.73 10.32 -24.49
C LEU C 19 -12.49 10.66 -25.97
N VAL C 20 -13.39 11.42 -26.60
CA VAL C 20 -13.27 11.68 -28.04
C VAL C 20 -12.58 13.00 -28.33
N PHE C 21 -12.40 13.85 -27.34
CA PHE C 21 -11.80 15.14 -27.64
C PHE C 21 -10.62 15.47 -26.74
N PHE C 22 -10.80 15.47 -25.42
CA PHE C 22 -9.71 15.97 -24.59
C PHE C 22 -8.51 15.04 -24.60
N ASP C 23 -8.72 13.77 -24.93
CA ASP C 23 -7.57 12.88 -25.10
C ASP C 23 -6.57 13.48 -26.05
N LYS C 24 -7.06 14.10 -27.13
CA LYS C 24 -6.16 14.73 -28.09
C LYS C 24 -5.34 15.82 -27.41
N ILE C 25 -5.98 16.63 -26.57
CA ILE C 25 -5.27 17.71 -25.89
C ILE C 25 -4.19 17.14 -24.97
N ILE C 26 -4.56 16.15 -24.17
CA ILE C 26 -3.56 15.54 -23.29
C ILE C 26 -2.37 14.97 -24.10
N LEU C 27 -2.67 14.31 -25.23
CA LEU C 27 -1.61 13.76 -26.09
C LEU C 27 -0.67 14.85 -26.58
N ARG C 28 -1.23 15.89 -27.19
CA ARG C 28 -0.41 16.97 -27.71
C ARG C 28 0.42 17.60 -26.59
N LEU C 29 -0.19 17.85 -25.45
CA LEU C 29 0.54 18.56 -24.42
C LEU C 29 1.56 17.68 -23.72
N ALA C 30 1.46 16.37 -23.84
CA ALA C 30 2.48 15.52 -23.25
C ALA C 30 3.87 15.76 -23.87
N ARG C 31 3.91 16.37 -25.05
CA ARG C 31 5.21 16.73 -25.66
C ARG C 31 5.39 18.25 -25.62
N GLU C 32 4.34 19.02 -25.88
CA GLU C 32 4.49 20.49 -25.98
C GLU C 32 4.51 21.15 -24.59
N ALA C 33 3.95 20.50 -23.59
CA ALA C 33 3.96 21.05 -22.23
C ALA C 33 3.94 19.93 -21.20
N PRO C 34 5.06 19.25 -20.96
CA PRO C 34 5.03 18.04 -20.12
C PRO C 34 4.97 18.30 -18.61
N GLY C 35 4.96 19.53 -18.16
CA GLY C 35 4.83 19.81 -16.75
C GLY C 35 3.42 20.25 -16.44
N VAL C 36 2.66 20.53 -17.49
CA VAL C 36 1.28 20.94 -17.33
C VAL C 36 0.47 19.70 -16.96
N SER C 37 -0.35 19.80 -15.91
CA SER C 37 -1.12 18.67 -15.43
C SER C 37 -2.62 18.97 -15.49
N PHE C 38 -3.42 17.91 -15.32
CA PHE C 38 -4.86 18.02 -15.52
C PHE C 38 -5.65 17.29 -14.45
N GLU C 39 -6.71 17.95 -13.99
CA GLU C 39 -7.75 17.30 -13.22
C GLU C 39 -9.04 17.48 -14.03
N LEU C 40 -9.50 16.39 -14.61
CA LEU C 40 -10.77 16.38 -15.34
C LEU C 40 -11.88 16.14 -14.32
N LEU C 41 -12.85 17.04 -14.30
CA LEU C 41 -13.94 17.00 -13.33
C LEU C 41 -15.22 16.48 -13.95
N PRO C 42 -16.03 15.69 -13.21
CA PRO C 42 -17.31 15.21 -13.73
C PRO C 42 -18.37 16.28 -13.85
N LEU C 43 -19.24 16.13 -14.86
CA LEU C 43 -20.34 17.09 -15.09
C LEU C 43 -21.44 16.81 -14.07
N ASP C 44 -21.52 17.57 -12.98
CA ASP C 44 -22.50 17.16 -11.93
C ASP C 44 -23.28 18.37 -11.39
N ASP C 45 -22.70 19.12 -10.45
CA ASP C 45 -23.38 20.30 -9.87
C ASP C 45 -23.32 21.43 -10.89
N ASP C 46 -24.18 22.44 -10.74
CA ASP C 46 -24.12 23.61 -11.65
C ASP C 46 -22.66 24.05 -11.73
N PRO C 47 -22.08 24.21 -12.94
CA PRO C 47 -20.73 24.69 -13.07
C PRO C 47 -20.68 26.19 -12.88
N GLU C 48 -21.85 26.79 -12.67
CA GLU C 48 -21.94 28.27 -12.52
C GLU C 48 -21.07 28.74 -11.35
N GLU C 49 -21.22 28.12 -10.18
CA GLU C 49 -20.49 28.62 -9.00
C GLU C 49 -18.98 28.52 -9.26
N LEU C 50 -18.51 27.38 -9.78
CA LEU C 50 -17.06 27.18 -9.99
C LEU C 50 -16.55 28.20 -11.02
N LEU C 51 -17.35 28.47 -12.05
CA LEU C 51 -16.95 29.48 -13.07
C LEU C 51 -16.92 30.86 -12.42
N ARG C 52 -17.97 31.21 -11.68
CA ARG C 52 -18.05 32.56 -11.06
C ARG C 52 -16.87 32.73 -10.10
N ARG C 53 -16.51 31.67 -9.38
CA ARG C 53 -15.43 31.79 -8.36
C ARG C 53 -14.04 31.66 -9.00
N GLY C 54 -13.95 31.17 -10.23
CA GLY C 54 -12.64 30.96 -10.87
C GLY C 54 -11.97 29.74 -10.29
N ASP C 55 -12.76 28.75 -9.88
CA ASP C 55 -12.18 27.54 -9.23
C ASP C 55 -11.85 26.49 -10.30
N VAL C 56 -12.21 26.74 -11.56
CA VAL C 56 -11.83 25.84 -12.64
C VAL C 56 -11.36 26.68 -13.81
N ASP C 57 -10.59 26.08 -14.69
CA ASP C 57 -10.16 26.83 -15.86
C ASP C 57 -11.17 26.75 -16.99
N PHE C 58 -11.82 25.60 -17.19
CA PHE C 58 -12.67 25.38 -18.35
C PHE C 58 -13.89 24.52 -18.01
N LEU C 59 -14.94 24.74 -18.81
CA LEU C 59 -16.18 23.93 -18.73
C LEU C 59 -16.53 23.56 -20.17
N ILE C 60 -16.50 22.27 -20.51
CA ILE C 60 -16.88 21.82 -21.89
C ILE C 60 -18.29 21.25 -21.83
N LEU C 61 -19.21 21.83 -22.60
CA LEU C 61 -20.62 21.42 -22.56
C LEU C 61 -21.25 21.85 -23.88
N PRO C 62 -22.35 21.22 -24.38
CA PRO C 62 -23.02 21.75 -25.55
C PRO C 62 -23.44 23.19 -25.29
N ASP C 63 -23.57 24.00 -26.34
CA ASP C 63 -23.91 25.44 -26.20
C ASP C 63 -25.22 25.63 -25.42
N LEU C 64 -26.18 24.74 -25.61
CA LEU C 64 -27.53 24.91 -24.99
C LEU C 64 -27.46 25.07 -23.47
N PHE C 65 -26.58 24.35 -22.77
CA PHE C 65 -26.63 24.38 -21.29
C PHE C 65 -25.66 25.41 -20.69
N MET C 66 -25.12 26.32 -21.49
CA MET C 66 -24.24 27.36 -20.96
C MET C 66 -25.06 28.63 -20.80
N SER C 67 -24.64 29.44 -19.85
CA SER C 67 -25.20 30.76 -19.63
C SER C 67 -24.38 31.80 -20.37
N GLY C 68 -24.90 33.02 -20.43
CA GLY C 68 -24.24 34.15 -21.04
C GLY C 68 -23.40 34.98 -20.09
N ALA C 69 -23.11 34.45 -18.90
CA ALA C 69 -22.31 35.13 -17.89
C ALA C 69 -20.81 34.86 -18.01
N HIS C 70 -20.38 34.04 -18.97
CA HIS C 70 -18.96 33.75 -19.08
C HIS C 70 -18.59 33.58 -20.56
N PRO C 71 -17.34 33.90 -20.91
CA PRO C 71 -16.95 33.80 -22.33
C PRO C 71 -16.83 32.35 -22.77
N LYS C 72 -17.30 32.09 -23.99
CA LYS C 72 -17.33 30.70 -24.50
C LYS C 72 -16.92 30.67 -25.96
N ALA C 73 -16.51 29.50 -26.44
CA ALA C 73 -16.09 29.35 -27.84
C ALA C 73 -16.61 28.04 -28.42
N ARG C 74 -17.16 28.11 -29.63
CA ARG C 74 -17.66 26.90 -30.30
C ARG C 74 -16.51 25.93 -30.54
N LEU C 75 -16.72 24.66 -30.20
CA LEU C 75 -15.69 23.63 -30.50
C LEU C 75 -16.08 22.91 -31.80
N PHE C 76 -17.21 22.21 -31.82
CA PHE C 76 -17.66 21.60 -33.09
C PHE C 76 -19.12 21.16 -33.02
N GLU C 77 -19.69 20.79 -34.17
CA GLU C 77 -21.05 20.31 -34.24
C GLU C 77 -21.05 18.81 -34.05
N GLU C 78 -21.99 18.33 -33.23
CA GLU C 78 -22.11 16.92 -32.87
C GLU C 78 -23.50 16.43 -33.16
N ARG C 79 -23.60 15.39 -33.98
CA ARG C 79 -24.88 14.79 -34.30
C ARG C 79 -25.28 13.76 -33.23
N LEU C 80 -26.59 13.68 -32.97
CA LEU C 80 -27.16 12.75 -31.99
C LEU C 80 -27.86 11.62 -32.75
N VAL C 81 -27.35 10.39 -32.63
CA VAL C 81 -27.93 9.27 -33.36
C VAL C 81 -28.59 8.29 -32.39
N CYS C 82 -29.51 7.51 -32.94
CA CYS C 82 -30.19 6.45 -32.22
C CYS C 82 -29.54 5.14 -32.62
N VAL C 83 -29.09 4.38 -31.63
CA VAL C 83 -28.28 3.19 -31.87
C VAL C 83 -28.94 2.02 -31.17
N GLY C 84 -28.68 0.84 -31.74
CA GLY C 84 -29.02 -0.43 -31.12
C GLY C 84 -27.93 -1.45 -31.38
N CYS C 85 -28.19 -2.69 -30.98
CA CYS C 85 -27.32 -3.84 -31.13
C CYS C 85 -27.64 -4.60 -32.41
N PRO C 86 -26.63 -4.94 -33.20
CA PRO C 86 -26.87 -5.77 -34.41
C PRO C 86 -27.74 -7.00 -34.18
N THR C 87 -27.69 -7.56 -32.97
CA THR C 87 -28.46 -8.78 -32.63
C THR C 87 -29.93 -8.47 -32.36
N ASN C 88 -30.32 -7.20 -32.36
CA ASN C 88 -31.75 -6.86 -32.20
C ASN C 88 -32.49 -7.26 -33.48
N GLU C 89 -33.53 -8.07 -33.35
CA GLU C 89 -34.22 -8.58 -34.55
C GLU C 89 -35.19 -7.53 -35.08
N GLN C 90 -35.60 -6.60 -34.22
CA GLN C 90 -36.58 -5.57 -34.63
C GLN C 90 -35.83 -4.36 -35.18
N LEU C 91 -34.51 -4.37 -35.12
CA LEU C 91 -33.72 -3.20 -35.56
C LEU C 91 -33.31 -3.41 -37.00
N GLN C 92 -33.85 -4.45 -37.63
CA GLN C 92 -33.58 -4.65 -39.07
C GLN C 92 -34.61 -3.86 -39.85
N GLY C 93 -34.17 -2.94 -40.70
CA GLY C 93 -35.09 -2.10 -41.50
C GLY C 93 -35.20 -0.68 -40.99
N GLN C 94 -36.41 -0.13 -40.94
CA GLN C 94 -36.63 1.24 -40.50
C GLN C 94 -37.42 1.22 -39.19
N LEU C 95 -37.19 2.23 -38.36
CA LEU C 95 -37.88 2.33 -37.08
C LEU C 95 -38.64 3.65 -36.97
N SER C 96 -39.97 3.58 -37.02
CA SER C 96 -40.82 4.77 -36.84
C SER C 96 -40.87 5.19 -35.37
N LEU C 97 -41.13 6.49 -35.14
CA LEU C 97 -41.13 7.04 -33.78
C LEU C 97 -42.08 6.29 -32.83
N GLU C 98 -43.20 5.81 -33.38
CA GLU C 98 -44.10 4.96 -32.60
C GLU C 98 -43.36 3.74 -32.07
N GLN C 99 -42.67 3.05 -32.95
CA GLN C 99 -41.88 1.87 -32.52
C GLN C 99 -40.82 2.33 -31.51
N TYR C 100 -40.09 3.38 -31.82
CA TYR C 100 -39.04 3.92 -30.93
C TYR C 100 -39.60 4.04 -29.52
N MET C 101 -40.77 4.68 -29.39
CA MET C 101 -41.36 4.93 -28.06
C MET C 101 -42.04 3.66 -27.54
N SER C 102 -42.03 2.58 -28.33
CA SER C 102 -42.62 1.30 -27.86
C SER C 102 -41.49 0.39 -27.40
N MET C 103 -40.28 0.92 -27.31
CA MET C 103 -39.13 0.04 -27.00
C MET C 103 -38.44 0.44 -25.72
N GLY C 104 -37.47 -0.36 -25.28
CA GLY C 104 -36.71 -0.13 -24.04
C GLY C 104 -35.39 0.58 -24.27
N HIS C 105 -35.13 1.59 -23.44
CA HIS C 105 -34.06 2.55 -23.72
C HIS C 105 -32.99 2.60 -22.64
N VAL C 106 -31.76 2.85 -23.10
CA VAL C 106 -30.62 3.18 -22.23
C VAL C 106 -30.37 4.68 -22.33
N ALA C 107 -30.19 5.32 -21.18
CA ALA C 107 -30.00 6.77 -21.13
C ALA C 107 -28.92 7.13 -20.12
N ALA C 108 -28.29 8.27 -20.36
CA ALA C 108 -27.22 8.79 -19.52
C ALA C 108 -27.76 9.85 -18.59
N LYS C 109 -27.45 9.73 -17.30
CA LYS C 109 -27.72 10.78 -16.31
C LYS C 109 -26.42 11.22 -15.64
N PHE C 110 -26.15 12.51 -15.64
CA PHE C 110 -24.90 13.02 -15.09
C PHE C 110 -25.08 13.39 -13.62
N GLY C 111 -24.54 12.56 -12.74
CA GLY C 111 -24.51 12.80 -11.31
C GLY C 111 -25.86 12.65 -10.63
N ARG C 112 -26.37 13.76 -10.11
CA ARG C 112 -27.69 13.81 -9.50
C ARG C 112 -28.78 14.14 -10.51
N GLY C 113 -28.46 14.08 -11.81
CA GLY C 113 -29.39 14.42 -12.88
C GLY C 113 -29.89 15.86 -12.86
N LEU C 114 -28.95 16.81 -12.73
CA LEU C 114 -29.34 18.23 -12.58
C LEU C 114 -29.91 18.81 -13.87
N LYS C 115 -29.16 18.72 -14.97
CA LYS C 115 -29.64 19.27 -16.26
C LYS C 115 -30.07 18.12 -17.17
N PRO C 116 -31.12 18.31 -18.00
CA PRO C 116 -31.60 17.26 -18.88
C PRO C 116 -30.71 17.08 -20.09
N SER C 117 -30.79 15.89 -20.72
CA SER C 117 -30.00 15.62 -21.95
C SER C 117 -30.63 16.37 -23.14
N LYS C 129 -42.04 10.73 -21.43
CA LYS C 129 -42.50 10.09 -22.68
C LYS C 129 -41.68 8.86 -22.99
N ARG C 130 -40.51 8.71 -22.36
CA ARG C 130 -39.63 7.60 -22.68
C ARG C 130 -39.68 6.48 -21.63
N ARG C 131 -39.65 5.22 -22.09
CA ARG C 131 -39.48 4.07 -21.19
C ARG C 131 -38.00 3.72 -21.11
N ILE C 132 -37.34 4.17 -20.06
CA ILE C 132 -35.89 4.03 -19.93
C ILE C 132 -35.62 2.86 -18.99
N GLU C 133 -35.18 1.75 -19.55
CA GLU C 133 -34.94 0.55 -18.76
C GLU C 133 -33.55 0.50 -18.14
N LEU C 134 -32.65 1.41 -18.50
CA LEU C 134 -31.30 1.42 -17.96
C LEU C 134 -30.78 2.85 -17.89
N VAL C 135 -30.44 3.32 -16.70
CA VAL C 135 -29.88 4.65 -16.53
C VAL C 135 -28.45 4.50 -16.04
N VAL C 136 -27.51 5.18 -16.70
CA VAL C 136 -26.11 5.06 -16.33
C VAL C 136 -25.47 6.44 -16.17
N PRO C 137 -24.41 6.56 -15.36
CA PRO C 137 -23.87 7.88 -15.03
C PRO C 137 -23.21 8.63 -16.17
N GLY C 138 -23.12 8.09 -17.38
CA GLY C 138 -22.57 8.86 -18.47
C GLY C 138 -22.98 8.29 -19.80
N PHE C 139 -22.34 8.78 -20.87
CA PHE C 139 -22.53 8.22 -22.21
C PHE C 139 -21.67 6.98 -22.45
N ASN C 140 -20.45 6.92 -21.90
CA ASN C 140 -19.48 5.96 -22.40
C ASN C 140 -19.86 4.52 -22.06
N LEU C 141 -20.49 4.30 -20.91
CA LEU C 141 -20.94 2.98 -20.55
C LEU C 141 -22.12 2.50 -21.39
N ILE C 142 -22.74 3.37 -22.19
CA ILE C 142 -23.97 3.00 -22.89
C ILE C 142 -23.70 1.95 -23.97
N PRO C 143 -22.74 2.11 -24.87
CA PRO C 143 -22.55 1.08 -25.89
C PRO C 143 -22.25 -0.29 -25.29
N PRO C 144 -21.29 -0.42 -24.36
CA PRO C 144 -21.10 -1.75 -23.76
C PRO C 144 -22.35 -2.30 -23.07
N LEU C 145 -23.07 -1.50 -22.26
CA LEU C 145 -24.20 -2.04 -21.52
C LEU C 145 -25.43 -2.24 -22.38
N LEU C 146 -25.51 -1.59 -23.51
CA LEU C 146 -26.59 -1.87 -24.45
C LEU C 146 -26.29 -3.10 -25.28
N SER C 147 -25.01 -3.35 -25.55
CA SER C 147 -24.56 -4.44 -26.41
C SER C 147 -25.09 -5.76 -25.88
N GLY C 148 -25.72 -6.54 -26.77
CA GLY C 148 -26.21 -7.84 -26.41
C GLY C 148 -27.63 -7.87 -25.89
N THR C 149 -28.37 -6.79 -26.03
CA THR C 149 -29.75 -6.69 -25.61
C THR C 149 -30.57 -6.07 -26.74
N ASN C 150 -31.87 -5.95 -26.51
CA ASN C 150 -32.76 -5.31 -27.48
C ASN C 150 -33.05 -3.87 -27.11
N ARG C 151 -32.18 -3.23 -26.32
CA ARG C 151 -32.41 -1.84 -25.93
C ARG C 151 -31.70 -0.90 -26.90
N ILE C 152 -32.23 0.29 -27.04
CA ILE C 152 -31.66 1.31 -27.91
C ILE C 152 -31.28 2.51 -27.05
N ALA C 153 -30.48 3.39 -27.64
CA ALA C 153 -30.09 4.61 -26.95
C ALA C 153 -29.97 5.75 -27.95
N THR C 154 -29.81 6.97 -27.42
CA THR C 154 -29.51 8.13 -28.25
C THR C 154 -28.25 8.80 -27.72
N ILE C 155 -27.25 8.93 -28.56
CA ILE C 155 -25.92 9.27 -28.10
C ILE C 155 -25.13 9.96 -29.21
N PRO C 156 -24.02 10.65 -28.89
CA PRO C 156 -23.28 11.34 -29.95
C PRO C 156 -22.73 10.38 -31.00
N LEU C 157 -22.88 10.76 -32.26
CA LEU C 157 -22.40 9.92 -33.35
C LEU C 157 -20.87 9.81 -33.32
N ARG C 158 -20.16 10.82 -32.82
CA ARG C 158 -18.72 10.66 -32.63
C ARG C 158 -18.41 9.55 -31.62
N LEU C 159 -19.28 9.36 -30.62
CA LEU C 159 -19.14 8.26 -29.67
C LEU C 159 -19.34 6.95 -30.39
N VAL C 160 -20.36 6.86 -31.23
CA VAL C 160 -20.55 5.70 -32.07
C VAL C 160 -19.31 5.43 -32.88
N LYS C 161 -18.66 6.45 -33.43
CA LYS C 161 -17.51 6.16 -34.34
C LYS C 161 -16.30 5.63 -33.55
N HIS C 162 -16.26 5.87 -32.24
CA HIS C 162 -15.08 5.46 -31.42
C HIS C 162 -15.16 3.96 -31.10
N TYR C 163 -16.38 3.45 -30.89
CA TYR C 163 -16.55 2.02 -30.52
C TYR C 163 -16.76 1.16 -31.76
N GLU C 164 -16.49 1.73 -32.94
CA GLU C 164 -16.77 1.00 -34.21
C GLU C 164 -16.02 -0.33 -34.25
N ARG C 165 -14.76 -0.35 -33.86
CA ARG C 165 -13.94 -1.58 -33.95
C ARG C 165 -14.08 -2.41 -32.67
N THR C 166 -14.69 -1.84 -31.62
CA THR C 166 -14.80 -2.55 -30.33
C THR C 166 -16.19 -3.11 -30.19
N ILE C 167 -17.20 -2.24 -30.17
CA ILE C 167 -18.61 -2.69 -29.97
C ILE C 167 -19.42 -2.34 -31.24
N PRO C 168 -19.86 -3.34 -32.03
CA PRO C 168 -20.63 -3.08 -33.24
C PRO C 168 -21.96 -2.48 -32.85
N LEU C 169 -22.41 -1.47 -33.61
CA LEU C 169 -23.69 -0.79 -33.29
C LEU C 169 -24.46 -0.46 -34.56
N ARG C 170 -25.77 -0.71 -34.57
CA ARG C 170 -26.64 -0.36 -35.67
C ARG C 170 -27.22 1.04 -35.44
N ILE C 171 -26.92 1.97 -36.35
CA ILE C 171 -27.55 3.27 -36.37
C ILE C 171 -28.92 3.20 -37.04
N ILE C 172 -29.92 3.87 -36.44
CA ILE C 172 -31.29 3.92 -36.95
C ILE C 172 -31.59 5.37 -37.35
N GLU C 173 -31.56 5.65 -38.66
CA GLU C 173 -31.31 7.01 -39.15
C GLU C 173 -32.48 7.59 -39.92
N HIS C 174 -32.81 7.04 -41.09
CA HIS C 174 -33.77 7.69 -41.98
C HIS C 174 -35.15 7.98 -41.39
N PRO C 175 -35.69 7.22 -40.41
CA PRO C 175 -37.06 7.52 -39.96
C PRO C 175 -37.19 8.74 -39.04
N LEU C 176 -36.27 8.90 -38.09
CA LEU C 176 -36.37 9.86 -36.99
C LEU C 176 -35.69 11.16 -37.34
N PRO C 177 -35.88 12.23 -36.55
CA PRO C 177 -35.44 13.56 -36.98
C PRO C 177 -33.98 13.88 -36.71
N LEU C 178 -33.37 14.61 -37.66
CA LEU C 178 -32.01 15.14 -37.55
C LEU C 178 -31.87 16.07 -36.37
N VAL C 179 -30.99 15.71 -35.44
CA VAL C 179 -30.76 16.53 -34.28
C VAL C 179 -29.27 16.63 -34.09
N SER C 180 -28.78 17.85 -33.93
CA SER C 180 -27.36 18.06 -33.71
C SER C 180 -27.23 19.28 -32.83
N PHE C 181 -26.25 19.25 -31.94
CA PHE C 181 -25.94 20.42 -31.13
C PHE C 181 -24.51 20.83 -31.42
N THR C 182 -24.02 21.79 -30.64
CA THR C 182 -22.68 22.34 -30.83
C THR C 182 -21.95 22.26 -29.50
N GLU C 183 -20.94 21.42 -29.43
CA GLU C 183 -20.10 21.37 -28.24
C GLU C 183 -19.22 22.61 -28.20
N ALA C 184 -19.11 23.20 -27.01
CA ALA C 184 -18.39 24.45 -26.80
C ALA C 184 -17.63 24.42 -25.48
N VAL C 185 -16.74 25.40 -25.35
CA VAL C 185 -15.87 25.57 -24.20
C VAL C 185 -16.17 26.93 -23.56
N GLN C 186 -16.12 26.99 -22.24
CA GLN C 186 -16.33 28.22 -21.49
C GLN C 186 -15.20 28.34 -20.49
N TRP C 187 -14.84 29.57 -20.15
CA TRP C 187 -13.84 29.85 -19.14
C TRP C 187 -14.41 30.91 -18.22
N PRO C 188 -13.95 30.99 -16.97
CA PRO C 188 -14.43 32.05 -16.08
C PRO C 188 -14.12 33.44 -16.64
N ALA C 189 -15.08 34.36 -16.51
CA ALA C 189 -14.85 35.74 -16.89
C ALA C 189 -13.59 36.28 -16.21
N LEU C 190 -13.43 36.00 -14.92
CA LEU C 190 -12.25 36.41 -14.17
C LEU C 190 -10.96 35.99 -14.85
N HIS C 191 -11.02 35.03 -15.78
CA HIS C 191 -9.84 34.45 -16.41
C HIS C 191 -9.68 34.82 -17.88
N ASN C 192 -10.52 35.71 -18.42
CA ASN C 192 -10.57 35.94 -19.86
C ASN C 192 -9.25 36.42 -20.45
N THR C 193 -8.36 37.00 -19.63
CA THR C 193 -7.09 37.53 -20.12
C THR C 193 -5.88 36.82 -19.53
N ASP C 194 -6.07 35.74 -18.76
CA ASP C 194 -4.95 35.00 -18.17
C ASP C 194 -4.16 34.37 -19.32
N PRO C 195 -2.85 34.59 -19.41
CA PRO C 195 -2.12 33.98 -20.54
C PRO C 195 -2.23 32.46 -20.56
N GLY C 196 -2.16 31.78 -19.42
CA GLY C 196 -2.36 30.33 -19.39
C GLY C 196 -3.71 29.91 -19.97
N ASN C 197 -4.76 30.64 -19.61
CA ASN C 197 -6.08 30.33 -20.13
C ASN C 197 -6.17 30.55 -21.63
N ILE C 198 -5.64 31.66 -22.14
CA ILE C 198 -5.70 31.91 -23.57
C ILE C 198 -4.90 30.86 -24.32
N TRP C 199 -3.76 30.45 -23.76
CA TRP C 199 -2.91 29.45 -24.41
C TRP C 199 -3.65 28.13 -24.58
N MET C 200 -4.18 27.58 -23.47
CA MET C 200 -4.94 26.34 -23.56
C MET C 200 -6.20 26.48 -24.42
N ARG C 201 -6.96 27.55 -24.19
CA ARG C 201 -8.15 27.84 -24.99
C ARG C 201 -7.85 27.74 -26.49
N GLU C 202 -6.85 28.47 -26.95
CA GLU C 202 -6.55 28.49 -28.38
C GLU C 202 -6.13 27.10 -28.88
N ILE C 203 -5.40 26.34 -28.05
CA ILE C 203 -5.03 24.98 -28.46
C ILE C 203 -6.28 24.13 -28.63
N MET C 204 -7.22 24.28 -27.71
CA MET C 204 -8.47 23.54 -27.77
C MET C 204 -9.22 23.88 -29.04
N ILE C 205 -9.19 25.15 -29.44
CA ILE C 205 -9.91 25.54 -30.65
C ILE C 205 -9.26 24.94 -31.87
N GLN C 206 -7.93 24.92 -31.90
CA GLN C 206 -7.21 24.32 -33.03
C GLN C 206 -7.65 22.86 -33.18
N GLU C 207 -7.60 22.11 -32.09
CA GLU C 207 -7.96 20.70 -32.14
C GLU C 207 -9.43 20.50 -32.55
N ALA C 208 -10.32 21.34 -32.02
CA ALA C 208 -11.73 21.22 -32.38
C ALA C 208 -11.95 21.49 -33.85
N LEU C 209 -11.12 22.38 -34.43
CA LEU C 209 -11.25 22.66 -35.89
C LEU C 209 -10.87 21.41 -36.69
N ARG C 210 -9.73 20.80 -36.36
CA ARG C 210 -9.34 19.55 -37.04
C ARG C 210 -10.50 18.54 -36.94
N MET C 211 -11.17 18.48 -35.79
CA MET C 211 -12.24 17.49 -35.67
C MET C 211 -13.46 17.88 -36.49
N GLU C 212 -13.80 19.18 -36.51
CA GLU C 212 -14.92 19.63 -37.34
C GLU C 212 -14.64 19.31 -38.80
N SER C 213 -13.39 19.45 -39.23
CA SER C 213 -13.02 19.10 -40.60
C SER C 213 -13.17 17.60 -40.83
N GLU C 214 -13.06 16.78 -39.77
CA GLU C 214 -13.17 15.34 -39.93
C GLU C 214 -14.61 14.85 -40.12
N MET C 215 -15.59 15.55 -39.55
CA MET C 215 -17.02 15.26 -39.75
C MET C 215 -17.63 16.08 -40.87
N GLU C 216 -16.91 16.24 -41.99
CA GLU C 216 -17.45 16.92 -43.15
C GLU C 216 -16.76 16.43 -44.42
N ASN D 1 38.20 -25.70 -2.62
CA ASN D 1 37.35 -26.08 -1.50
C ASN D 1 37.10 -24.87 -0.58
N PRO D 2 35.95 -24.21 -0.76
CA PRO D 2 35.59 -23.11 0.16
C PRO D 2 35.01 -23.60 1.48
N ALA D 3 34.61 -24.86 1.54
CA ALA D 3 34.14 -25.52 2.75
C ALA D 3 35.24 -25.75 3.78
N GLU D 4 36.46 -25.36 3.44
CA GLU D 4 37.57 -25.47 4.42
C GLU D 4 38.17 -24.06 4.58
N SER D 5 37.46 -23.05 4.11
CA SER D 5 37.98 -21.66 4.14
C SER D 5 37.77 -21.04 5.52
N ASP D 6 38.48 -19.94 5.79
CA ASP D 6 38.32 -19.20 7.06
C ASP D 6 37.87 -17.79 6.67
N ARG D 7 37.16 -17.66 5.55
CA ARG D 7 36.72 -16.33 5.07
C ARG D 7 35.63 -15.76 5.98
N ARG D 8 35.65 -14.45 6.17
CA ARG D 8 34.59 -13.78 6.96
C ARG D 8 33.66 -13.03 6.00
N PHE D 9 32.41 -13.44 5.92
CA PHE D 9 31.44 -12.74 5.09
C PHE D 9 30.71 -11.67 5.88
N ARG D 10 30.47 -10.53 5.23
CA ARG D 10 29.67 -9.44 5.77
C ARG D 10 28.32 -9.40 5.03
N ILE D 11 27.23 -9.41 5.79
CA ILE D 11 25.87 -9.39 5.23
C ILE D 11 25.07 -8.24 5.83
N ILE D 12 24.30 -7.54 4.98
CA ILE D 12 23.36 -6.51 5.42
C ILE D 12 21.95 -7.05 5.27
N LEU D 13 21.17 -6.96 6.35
CA LEU D 13 19.86 -7.58 6.38
C LEU D 13 19.09 -7.05 7.58
N SER D 14 17.80 -7.36 7.60
CA SER D 14 16.94 -7.03 8.73
C SER D 14 17.07 -8.07 9.83
N ASP D 15 16.77 -7.61 11.06
CA ASP D 15 16.64 -8.54 12.17
C ASP D 15 15.63 -9.64 11.83
N PHE D 16 14.60 -9.30 11.05
CA PHE D 16 13.67 -10.31 10.58
C PHE D 16 14.39 -11.38 9.77
N MET D 17 15.21 -10.95 8.79
CA MET D 17 15.84 -11.93 7.92
C MET D 17 16.93 -12.68 8.64
N ALA D 18 17.60 -12.03 9.59
CA ALA D 18 18.54 -12.72 10.45
C ALA D 18 17.86 -13.83 11.24
N LEU D 19 16.66 -13.56 11.78
CA LEU D 19 16.03 -14.48 12.70
C LEU D 19 15.33 -15.62 11.98
N VAL D 20 14.61 -15.35 10.88
CA VAL D 20 13.81 -16.38 10.21
C VAL D 20 14.53 -17.03 9.03
N PHE D 21 15.63 -16.46 8.57
CA PHE D 21 16.29 -17.03 7.39
C PHE D 21 17.79 -17.23 7.58
N PHE D 22 18.53 -16.19 7.95
CA PHE D 22 19.96 -16.40 7.96
C PHE D 22 20.38 -17.36 9.06
N ASP D 23 19.56 -17.52 10.11
CA ASP D 23 19.87 -18.54 11.10
C ASP D 23 20.07 -19.90 10.44
N LYS D 24 19.23 -20.25 9.47
CA LYS D 24 19.41 -21.52 8.78
C LYS D 24 20.77 -21.56 8.09
N ILE D 25 21.19 -20.46 7.49
CA ILE D 25 22.50 -20.44 6.84
C ILE D 25 23.60 -20.69 7.86
N ILE D 26 23.58 -19.95 8.97
CA ILE D 26 24.57 -20.15 10.01
C ILE D 26 24.55 -21.60 10.54
N LEU D 27 23.36 -22.15 10.73
CA LEU D 27 23.23 -23.54 11.20
C LEU D 27 23.89 -24.52 10.23
N ARG D 28 23.56 -24.42 8.95
CA ARG D 28 24.10 -25.38 7.97
C ARG D 28 25.61 -25.25 7.85
N LEU D 29 26.14 -24.03 7.76
CA LEU D 29 27.58 -23.87 7.49
C LEU D 29 28.40 -24.17 8.76
N ALA D 30 27.74 -24.36 9.89
CA ALA D 30 28.48 -24.73 11.11
C ALA D 30 29.11 -26.11 10.95
N ARG D 31 28.47 -26.96 10.14
CA ARG D 31 29.02 -28.32 9.89
C ARG D 31 29.63 -28.38 8.50
N GLU D 32 29.12 -27.61 7.53
CA GLU D 32 29.62 -27.73 6.14
C GLU D 32 30.86 -26.86 5.95
N ALA D 33 31.00 -25.80 6.73
CA ALA D 33 32.17 -24.90 6.62
C ALA D 33 32.47 -24.33 8.00
N PRO D 34 32.97 -25.15 8.94
CA PRO D 34 33.16 -24.69 10.31
C PRO D 34 34.11 -23.52 10.58
N GLY D 35 34.74 -22.98 9.55
CA GLY D 35 35.57 -21.83 9.81
C GLY D 35 35.07 -20.55 9.18
N VAL D 36 34.08 -20.64 8.31
CA VAL D 36 33.56 -19.44 7.70
C VAL D 36 32.87 -18.65 8.80
N SER D 37 33.17 -17.35 8.86
CA SER D 37 32.62 -16.50 9.90
C SER D 37 31.75 -15.44 9.27
N PHE D 38 30.95 -14.79 10.11
CA PHE D 38 29.93 -13.85 9.66
C PHE D 38 29.92 -12.61 10.52
N GLU D 39 29.80 -11.47 9.88
CA GLU D 39 29.45 -10.20 10.53
C GLU D 39 28.14 -9.78 9.92
N LEU D 40 27.05 -9.89 10.68
CA LEU D 40 25.74 -9.46 10.22
C LEU D 40 25.59 -7.97 10.48
N LEU D 41 25.35 -7.19 9.43
CA LEU D 41 25.32 -5.75 9.54
C LEU D 41 23.90 -5.22 9.51
N PRO D 42 23.61 -4.24 10.35
CA PRO D 42 22.25 -3.66 10.38
C PRO D 42 21.96 -2.80 9.16
N LEU D 43 20.68 -2.71 8.82
CA LEU D 43 20.23 -1.78 7.79
C LEU D 43 20.26 -0.36 8.33
N ASP D 44 20.95 0.55 7.65
CA ASP D 44 21.02 1.91 8.17
C ASP D 44 21.11 2.97 7.07
N ASP D 45 22.33 3.32 6.67
CA ASP D 45 22.56 4.24 5.57
C ASP D 45 22.44 3.49 4.25
N ASP D 46 22.44 4.28 3.15
CA ASP D 46 22.41 3.69 1.82
C ASP D 46 23.37 2.51 1.69
N PRO D 47 22.84 1.30 1.48
CA PRO D 47 23.71 0.15 1.26
C PRO D 47 24.42 0.21 -0.08
N GLU D 48 23.95 1.06 -0.98
CA GLU D 48 24.55 1.17 -2.30
C GLU D 48 26.03 1.55 -2.21
N GLU D 49 26.41 2.32 -1.19
CA GLU D 49 27.81 2.72 -1.13
C GLU D 49 28.70 1.54 -0.71
N LEU D 50 28.22 0.72 0.22
CA LEU D 50 28.95 -0.49 0.57
C LEU D 50 28.96 -1.49 -0.57
N LEU D 51 27.95 -1.45 -1.43
CA LEU D 51 27.94 -2.37 -2.56
C LEU D 51 28.88 -1.91 -3.66
N ARG D 52 28.97 -0.60 -3.89
CA ARG D 52 29.82 -0.15 -4.98
C ARG D 52 31.29 -0.16 -4.61
N ARG D 53 31.62 -0.40 -3.34
CA ARG D 53 33.00 -0.44 -2.94
C ARG D 53 33.39 -1.85 -2.57
N GLY D 54 32.51 -2.82 -2.81
CA GLY D 54 32.75 -4.19 -2.40
C GLY D 54 33.11 -4.31 -0.93
N ASP D 55 32.57 -3.44 -0.06
CA ASP D 55 32.90 -3.58 1.35
C ASP D 55 32.03 -4.62 2.07
N VAL D 56 31.06 -5.23 1.40
CA VAL D 56 30.29 -6.32 1.97
C VAL D 56 30.06 -7.36 0.90
N ASP D 57 29.75 -8.58 1.33
CA ASP D 57 29.49 -9.63 0.35
C ASP D 57 28.04 -9.64 -0.10
N PHE D 58 27.10 -9.37 0.80
CA PHE D 58 25.68 -9.55 0.50
C PHE D 58 24.82 -8.48 1.17
N LEU D 59 23.72 -8.15 0.49
CA LEU D 59 22.66 -7.32 1.06
C LEU D 59 21.34 -8.05 0.87
N ILE D 60 20.66 -8.38 1.98
CA ILE D 60 19.37 -9.06 1.91
C ILE D 60 18.29 -8.05 2.21
N LEU D 61 17.32 -7.94 1.30
CA LEU D 61 16.30 -6.91 1.32
C LEU D 61 15.16 -7.35 0.43
N PRO D 62 13.94 -6.88 0.68
CA PRO D 62 12.89 -7.06 -0.34
C PRO D 62 13.32 -6.38 -1.63
N ASP D 63 13.00 -7.00 -2.77
CA ASP D 63 13.62 -6.54 -4.02
C ASP D 63 13.08 -5.21 -4.51
N LEU D 64 11.91 -4.79 -4.05
CA LEU D 64 11.42 -3.47 -4.45
C LEU D 64 12.37 -2.38 -3.94
N PHE D 65 13.08 -2.64 -2.84
CA PHE D 65 14.00 -1.66 -2.26
C PHE D 65 15.40 -1.67 -2.86
N MET D 66 15.70 -2.56 -3.80
CA MET D 66 17.04 -2.63 -4.38
C MET D 66 17.12 -1.87 -5.69
N SER D 67 18.32 -1.40 -6.01
CA SER D 67 18.56 -0.77 -7.30
C SER D 67 19.08 -1.80 -8.30
N GLY D 68 19.15 -1.39 -9.57
CA GLY D 68 19.59 -2.24 -10.65
C GLY D 68 21.07 -2.21 -10.97
N ALA D 69 21.91 -1.66 -10.09
CA ALA D 69 23.34 -1.55 -10.30
C ALA D 69 24.13 -2.78 -9.82
N HIS D 70 23.46 -3.80 -9.28
CA HIS D 70 24.19 -4.94 -8.78
C HIS D 70 23.36 -6.19 -8.98
N PRO D 71 23.99 -7.36 -9.18
CA PRO D 71 23.25 -8.60 -9.42
C PRO D 71 22.52 -9.10 -8.18
N LYS D 72 21.31 -9.59 -8.38
CA LYS D 72 20.47 -9.95 -7.26
C LYS D 72 19.65 -11.19 -7.63
N ALA D 73 19.13 -11.86 -6.61
CA ALA D 73 18.40 -13.11 -6.81
C ALA D 73 17.22 -13.18 -5.86
N ARG D 74 16.09 -13.63 -6.39
CA ARG D 74 14.88 -13.80 -5.61
C ARG D 74 15.11 -14.85 -4.52
N LEU D 75 14.79 -14.48 -3.26
CA LEU D 75 14.85 -15.45 -2.15
C LEU D 75 13.47 -16.08 -1.96
N PHE D 76 12.50 -15.31 -1.46
CA PHE D 76 11.15 -15.88 -1.38
C PHE D 76 10.11 -14.77 -1.24
N GLU D 77 8.84 -15.16 -1.35
CA GLU D 77 7.72 -14.25 -1.23
C GLU D 77 7.30 -14.16 0.24
N GLU D 78 7.07 -12.93 0.72
CA GLU D 78 6.74 -12.67 2.11
C GLU D 78 5.45 -11.86 2.20
N ARG D 79 4.46 -12.41 2.89
CA ARG D 79 3.21 -11.71 3.10
C ARG D 79 3.30 -10.78 4.31
N LEU D 80 2.59 -9.66 4.21
CA LEU D 80 2.54 -8.64 5.26
C LEU D 80 1.18 -8.72 5.93
N VAL D 81 1.15 -9.07 7.20
CA VAL D 81 -0.12 -9.19 7.91
C VAL D 81 -0.24 -8.14 9.01
N CYS D 82 -1.47 -7.88 9.40
CA CYS D 82 -1.79 -7.00 10.51
C CYS D 82 -2.06 -7.85 11.74
N VAL D 83 -1.35 -7.54 12.83
CA VAL D 83 -1.38 -8.35 14.06
C VAL D 83 -1.78 -7.46 15.21
N GLY D 84 -2.43 -8.09 16.19
CA GLY D 84 -2.70 -7.48 17.48
C GLY D 84 -2.56 -8.53 18.56
N CYS D 85 -2.90 -8.09 19.83
CA CYS D 85 -2.87 -8.95 21.01
C CYS D 85 -4.20 -9.65 21.20
N PRO D 86 -4.18 -10.96 21.48
CA PRO D 86 -5.43 -11.66 21.86
C PRO D 86 -6.24 -10.92 22.91
N THR D 87 -5.54 -10.21 23.79
CA THR D 87 -6.20 -9.47 24.88
C THR D 87 -6.85 -8.20 24.38
N ASN D 88 -6.59 -7.80 23.12
CA ASN D 88 -7.28 -6.61 22.57
C ASN D 88 -8.76 -6.96 22.34
N GLU D 89 -9.66 -6.19 22.96
CA GLU D 89 -11.10 -6.51 22.87
C GLU D 89 -11.64 -6.14 21.48
N GLN D 90 -11.24 -4.98 20.95
CA GLN D 90 -11.81 -4.52 19.66
C GLN D 90 -11.18 -5.29 18.49
N LEU D 91 -10.30 -6.25 18.77
CA LEU D 91 -9.71 -7.07 17.69
C LEU D 91 -10.48 -8.39 17.58
N GLN D 92 -11.51 -8.57 18.41
CA GLN D 92 -12.34 -9.79 18.30
C GLN D 92 -13.42 -9.54 17.22
N GLY D 93 -13.17 -10.01 16.00
CA GLY D 93 -14.10 -9.77 14.88
C GLY D 93 -13.34 -9.36 13.63
N GLN D 94 -13.84 -8.36 12.89
CA GLN D 94 -13.13 -7.87 11.69
C GLN D 94 -12.79 -6.38 11.86
N LEU D 95 -11.71 -5.90 11.24
CA LEU D 95 -11.26 -4.49 11.40
C LEU D 95 -11.37 -3.75 10.05
N SER D 96 -12.18 -2.68 9.99
CA SER D 96 -12.32 -1.86 8.76
C SER D 96 -11.07 -1.01 8.53
N LEU D 97 -10.80 -0.62 7.28
CA LEU D 97 -9.64 0.27 6.98
C LEU D 97 -9.79 1.56 7.80
N GLU D 98 -11.01 2.10 7.86
CA GLU D 98 -11.26 3.30 8.69
C GLU D 98 -11.00 2.93 10.16
N GLN D 99 -11.50 1.77 10.60
CA GLN D 99 -11.33 1.36 12.00
C GLN D 99 -9.83 1.19 12.31
N TYR D 100 -9.09 0.59 11.38
CA TYR D 100 -7.63 0.41 11.56
C TYR D 100 -6.99 1.76 11.73
N MET D 101 -7.39 2.72 10.90
CA MET D 101 -6.77 4.07 10.93
C MET D 101 -7.16 4.80 12.22
N SER D 102 -7.94 4.16 13.08
CA SER D 102 -8.41 4.83 14.33
C SER D 102 -7.72 4.22 15.55
N MET D 103 -6.78 3.30 15.34
CA MET D 103 -6.17 2.59 16.49
C MET D 103 -4.67 2.94 16.61
N GLY D 104 -4.05 2.56 17.73
CA GLY D 104 -2.62 2.82 17.94
C GLY D 104 -1.76 1.84 17.17
N HIS D 105 -0.57 2.27 16.73
CA HIS D 105 0.23 1.38 15.86
C HIS D 105 1.70 1.28 16.26
N VAL D 106 2.23 0.06 16.27
CA VAL D 106 3.66 -0.18 16.47
C VAL D 106 4.29 -0.37 15.11
N ALA D 107 5.42 0.31 14.86
CA ALA D 107 6.08 0.28 13.57
C ALA D 107 7.60 0.23 13.74
N ALA D 108 8.26 -0.28 12.70
CA ALA D 108 9.71 -0.42 12.67
C ALA D 108 10.35 0.72 11.89
N LYS D 109 11.38 1.32 12.47
CA LYS D 109 12.24 2.28 11.78
C LYS D 109 13.66 1.75 11.74
N PHE D 110 14.25 1.66 10.54
CA PHE D 110 15.59 1.11 10.36
C PHE D 110 16.65 2.23 10.32
N GLY D 111 17.45 2.29 11.39
CA GLY D 111 18.54 3.28 11.45
C GLY D 111 18.07 4.71 11.50
N ARG D 112 18.48 5.51 10.51
CA ARG D 112 18.10 6.93 10.45
C ARG D 112 16.70 7.03 9.85
N GLY D 113 16.09 5.90 9.49
CA GLY D 113 14.78 5.94 8.82
C GLY D 113 14.94 6.35 7.38
N LEU D 114 16.01 5.90 6.75
CA LEU D 114 16.31 6.34 5.35
C LEU D 114 15.27 5.78 4.39
N LYS D 115 14.71 4.61 4.69
CA LYS D 115 13.69 4.00 3.80
C LYS D 115 12.38 3.77 4.58
N PRO D 116 11.21 3.95 3.96
CA PRO D 116 9.93 3.66 4.62
C PRO D 116 9.61 2.17 4.55
N SER D 117 8.80 1.73 5.50
CA SER D 117 8.26 0.39 5.45
C SER D 117 7.40 0.22 4.19
N VAL D 118 7.09 -1.03 3.88
CA VAL D 118 6.29 -1.35 2.71
C VAL D 118 4.83 -0.89 2.88
N LYS D 129 -0.56 8.37 7.62
CA LYS D 129 -1.92 8.67 8.12
C LYS D 129 -2.25 7.74 9.30
N ARG D 130 -1.35 6.82 9.64
CA ARG D 130 -1.56 5.94 10.82
C ARG D 130 -1.04 6.65 12.07
N ARG D 131 -1.73 6.48 13.21
CA ARG D 131 -1.19 7.05 14.48
C ARG D 131 -0.21 6.04 15.07
N ILE D 132 1.08 6.22 14.80
CA ILE D 132 2.14 5.29 15.30
C ILE D 132 2.49 5.71 16.74
N GLU D 133 2.06 4.92 17.72
CA GLU D 133 2.28 5.26 19.13
C GLU D 133 3.56 4.59 19.65
N LEU D 134 4.20 3.77 18.83
CA LEU D 134 5.45 3.16 19.27
C LEU D 134 6.33 2.90 18.04
N VAL D 135 7.54 3.46 18.04
CA VAL D 135 8.50 3.22 16.97
C VAL D 135 9.67 2.45 17.56
N VAL D 136 10.04 1.36 16.90
CA VAL D 136 11.15 0.56 17.40
C VAL D 136 12.16 0.27 16.29
N PRO D 137 13.43 0.06 16.65
CA PRO D 137 14.48 -0.06 15.63
C PRO D 137 14.43 -1.31 14.77
N GLY D 138 13.46 -2.20 14.90
CA GLY D 138 13.41 -3.34 14.00
C GLY D 138 12.04 -3.97 13.98
N PHE D 139 11.96 -5.15 13.35
CA PHE D 139 10.73 -5.94 13.39
C PHE D 139 10.62 -6.80 14.64
N ASN D 140 11.74 -7.34 15.13
CA ASN D 140 11.67 -8.44 16.08
C ASN D 140 11.14 -8.02 17.43
N LEU D 141 11.43 -6.78 17.85
CA LEU D 141 10.90 -6.25 19.10
C LEU D 141 9.41 -5.96 19.03
N ILE D 142 8.80 -5.99 17.86
CA ILE D 142 7.42 -5.54 17.70
C ILE D 142 6.45 -6.48 18.42
N PRO D 143 6.50 -7.79 18.23
CA PRO D 143 5.55 -8.66 18.95
C PRO D 143 5.67 -8.53 20.46
N PRO D 144 6.88 -8.62 21.05
CA PRO D 144 6.95 -8.44 22.51
C PRO D 144 6.41 -7.08 22.98
N LEU D 145 6.78 -5.98 22.33
CA LEU D 145 6.34 -4.68 22.84
C LEU D 145 4.88 -4.43 22.54
N LEU D 146 4.32 -5.16 21.59
CA LEU D 146 2.90 -5.06 21.34
C LEU D 146 2.07 -5.89 22.33
N SER D 147 2.61 -7.03 22.77
CA SER D 147 1.83 -7.93 23.62
C SER D 147 1.35 -7.23 24.88
N GLY D 148 0.06 -7.34 25.15
CA GLY D 148 -0.50 -6.77 26.34
C GLY D 148 -0.96 -5.36 26.20
N THR D 149 -1.07 -4.84 24.98
CA THR D 149 -1.57 -3.50 24.73
C THR D 149 -2.64 -3.57 23.65
N ASN D 150 -3.27 -2.43 23.38
CA ASN D 150 -4.28 -2.38 22.34
C ASN D 150 -3.74 -1.86 21.03
N ARG D 151 -2.42 -1.95 20.84
CA ARG D 151 -1.81 -1.47 19.61
C ARG D 151 -1.69 -2.61 18.60
N ILE D 152 -1.71 -2.24 17.33
CA ILE D 152 -1.56 -3.20 16.26
C ILE D 152 -0.32 -2.84 15.45
N ALA D 153 0.10 -3.77 14.61
CA ALA D 153 1.23 -3.54 13.74
C ALA D 153 1.02 -4.29 12.42
N THR D 154 1.91 -4.05 11.47
CA THR D 154 1.96 -4.81 10.22
C THR D 154 3.37 -5.33 10.02
N ILE D 155 3.50 -6.64 9.84
CA ILE D 155 4.80 -7.30 9.87
C ILE D 155 4.79 -8.56 9.02
N PRO D 156 5.95 -9.13 8.69
CA PRO D 156 5.95 -10.34 7.88
C PRO D 156 5.24 -11.49 8.59
N LEU D 157 4.44 -12.22 7.82
CA LEU D 157 3.72 -13.34 8.39
C LEU D 157 4.66 -14.45 8.87
N ARG D 158 5.83 -14.58 8.23
CA ARG D 158 6.83 -15.50 8.76
C ARG D 158 7.28 -15.12 10.17
N LEU D 159 7.22 -13.83 10.51
CA LEU D 159 7.63 -13.38 11.86
C LEU D 159 6.58 -13.84 12.88
N VAL D 160 5.31 -13.68 12.55
CA VAL D 160 4.21 -14.07 13.47
C VAL D 160 4.32 -15.57 13.74
N LYS D 161 4.62 -16.35 12.70
CA LYS D 161 4.69 -17.83 12.86
C LYS D 161 5.88 -18.20 13.76
N HIS D 162 6.98 -17.44 13.69
CA HIS D 162 8.15 -17.71 14.55
C HIS D 162 7.79 -17.51 16.03
N TYR D 163 6.97 -16.50 16.34
CA TYR D 163 6.62 -16.19 17.75
C TYR D 163 5.34 -16.90 18.16
N GLU D 164 4.80 -17.76 17.31
CA GLU D 164 3.48 -18.40 17.58
C GLU D 164 3.48 -19.11 18.94
N ARG D 165 4.53 -19.87 19.26
CA ARG D 165 4.53 -20.67 20.51
C ARG D 165 4.96 -19.81 21.70
N THR D 166 5.62 -18.68 21.45
CA THR D 166 6.14 -17.84 22.56
C THR D 166 5.18 -16.71 22.85
N ILE D 167 4.83 -15.93 21.83
CA ILE D 167 3.98 -14.75 22.03
C ILE D 167 2.72 -14.97 21.20
N PRO D 168 1.55 -15.14 21.81
CA PRO D 168 0.35 -15.28 20.99
C PRO D 168 -0.01 -13.96 20.35
N LEU D 169 -0.35 -14.02 19.07
CA LEU D 169 -0.77 -12.84 18.31
C LEU D 169 -2.00 -13.21 17.51
N ARG D 170 -2.90 -12.26 17.37
CA ARG D 170 -4.09 -12.40 16.53
C ARG D 170 -3.82 -11.80 15.16
N ILE D 171 -3.94 -12.62 14.11
CA ILE D 171 -3.77 -12.09 12.73
C ILE D 171 -5.11 -11.55 12.20
N ILE D 172 -5.15 -10.28 11.80
CA ILE D 172 -6.38 -9.69 11.18
C ILE D 172 -6.17 -9.77 9.65
N GLU D 173 -6.97 -10.58 8.94
CA GLU D 173 -6.68 -10.81 7.50
C GLU D 173 -7.83 -10.41 6.56
N HIS D 174 -9.00 -11.01 6.71
CA HIS D 174 -10.12 -10.80 5.75
C HIS D 174 -10.35 -9.33 5.39
N PRO D 175 -10.50 -8.37 6.34
CA PRO D 175 -10.86 -7.01 5.97
C PRO D 175 -9.91 -6.13 5.14
N LEU D 176 -8.62 -6.05 5.51
CA LEU D 176 -7.69 -5.10 4.84
C LEU D 176 -7.03 -5.74 3.59
N PRO D 177 -6.32 -4.97 2.74
CA PRO D 177 -5.77 -5.50 1.50
C PRO D 177 -4.66 -6.55 1.63
N LEU D 178 -4.59 -7.47 0.67
CA LEU D 178 -3.55 -8.52 0.69
C LEU D 178 -2.26 -7.93 0.09
N VAL D 179 -1.21 -7.80 0.89
CA VAL D 179 0.05 -7.18 0.43
C VAL D 179 1.23 -8.13 0.69
N SER D 180 2.00 -8.45 -0.34
CA SER D 180 3.18 -9.28 -0.18
C SER D 180 4.30 -8.74 -1.06
N PHE D 181 5.52 -8.87 -0.59
CA PHE D 181 6.69 -8.50 -1.38
C PHE D 181 7.58 -9.73 -1.59
N THR D 182 8.76 -9.51 -2.18
CA THR D 182 9.70 -10.59 -2.47
C THR D 182 11.05 -10.27 -1.85
N GLU D 183 11.45 -11.04 -0.84
CA GLU D 183 12.78 -10.88 -0.28
C GLU D 183 13.78 -11.45 -1.25
N ALA D 184 14.90 -10.74 -1.39
CA ALA D 184 15.95 -11.07 -2.34
C ALA D 184 17.31 -10.77 -1.73
N VAL D 185 18.34 -11.27 -2.41
CA VAL D 185 19.74 -11.10 -2.03
C VAL D 185 20.46 -10.39 -3.17
N GLN D 186 21.39 -9.51 -2.84
CA GLN D 186 22.17 -8.76 -3.83
C GLN D 186 23.63 -8.88 -3.43
N TRP D 187 24.52 -8.88 -4.42
CA TRP D 187 25.95 -8.92 -4.20
C TRP D 187 26.57 -7.82 -5.04
N PRO D 188 27.74 -7.32 -4.67
CA PRO D 188 28.41 -6.31 -5.52
C PRO D 188 28.73 -6.88 -6.89
N ALA D 189 28.59 -6.05 -7.93
CA ALA D 189 28.89 -6.50 -9.30
C ALA D 189 30.35 -6.99 -9.36
N LEU D 190 31.22 -6.37 -8.57
CA LEU D 190 32.66 -6.74 -8.58
C LEU D 190 32.85 -8.14 -8.00
N HIS D 191 31.81 -8.74 -7.44
CA HIS D 191 31.96 -10.06 -6.76
C HIS D 191 31.16 -11.14 -7.48
N ASN D 192 30.60 -10.83 -8.65
CA ASN D 192 29.72 -11.80 -9.37
C ASN D 192 30.51 -13.06 -9.73
N THR D 193 31.84 -12.96 -9.83
CA THR D 193 32.66 -14.11 -10.26
C THR D 193 33.35 -14.74 -9.07
N ASP D 194 33.40 -14.03 -7.94
CA ASP D 194 34.15 -14.53 -6.75
C ASP D 194 33.60 -15.93 -6.40
N PRO D 195 34.46 -16.98 -6.41
CA PRO D 195 34.00 -18.33 -6.11
C PRO D 195 33.37 -18.37 -4.73
N GLY D 196 33.99 -17.72 -3.74
CA GLY D 196 33.37 -17.69 -2.43
C GLY D 196 31.99 -17.08 -2.46
N ASN D 197 31.84 -16.00 -3.23
CA ASN D 197 30.54 -15.36 -3.33
C ASN D 197 29.51 -16.29 -3.98
N ILE D 198 29.89 -16.96 -5.07
CA ILE D 198 28.92 -17.86 -5.71
C ILE D 198 28.54 -19.00 -4.78
N TRP D 199 29.52 -19.54 -4.05
CA TRP D 199 29.24 -20.69 -3.18
C TRP D 199 28.18 -20.33 -2.13
N MET D 200 28.43 -19.25 -1.37
CA MET D 200 27.47 -18.82 -0.38
C MET D 200 26.13 -18.43 -1.02
N ARG D 201 26.17 -17.65 -2.10
CA ARG D 201 24.98 -17.26 -2.86
C ARG D 201 24.09 -18.46 -3.15
N GLU D 202 24.65 -19.50 -3.78
CA GLU D 202 23.84 -20.63 -4.17
C GLU D 202 23.29 -21.39 -2.97
N ILE D 203 24.07 -21.44 -1.87
CA ILE D 203 23.53 -22.08 -0.66
C ILE D 203 22.33 -21.30 -0.16
N MET D 204 22.43 -19.97 -0.17
CA MET D 204 21.34 -19.13 0.26
C MET D 204 20.11 -19.36 -0.61
N ILE D 205 20.32 -19.54 -1.91
CA ILE D 205 19.18 -19.76 -2.79
C ILE D 205 18.53 -21.09 -2.46
N GLN D 206 19.34 -22.12 -2.22
CA GLN D 206 18.79 -23.46 -1.87
C GLN D 206 17.87 -23.35 -0.65
N GLU D 207 18.35 -22.71 0.42
CA GLU D 207 17.57 -22.63 1.68
C GLU D 207 16.25 -21.88 1.44
N ALA D 208 16.30 -20.82 0.64
CA ALA D 208 15.07 -20.02 0.37
C ALA D 208 14.02 -20.89 -0.32
N LEU D 209 14.45 -21.77 -1.23
CA LEU D 209 13.49 -22.60 -1.99
C LEU D 209 12.76 -23.55 -1.03
N ARG D 210 13.47 -24.10 -0.05
CA ARG D 210 12.82 -24.99 0.95
C ARG D 210 11.74 -24.18 1.70
N MET D 211 12.00 -22.89 1.94
CA MET D 211 10.98 -22.03 2.58
C MET D 211 9.92 -21.67 1.53
N GLU D 212 9.47 -22.66 0.76
CA GLU D 212 8.48 -22.43 -0.33
C GLU D 212 8.74 -21.05 -0.96
#